data_8P0Q
#
_entry.id   8P0Q
#
_cell.length_a   47.025
_cell.length_b   111.477
_cell.length_c   256.370
_cell.angle_alpha   90.00
_cell.angle_beta   90.00
_cell.angle_gamma   90.00
#
_symmetry.space_group_name_H-M   'P 21 21 21'
#
loop_
_entity.id
_entity.type
_entity.pdbx_description
1 polymer Adhesin
2 polymer PHE-GLY-ASN-TRP-THR-THR
3 non-polymer "URIDINE-5'-DIPHOSPHATE"
4 water water
#
loop_
_entity_poly.entity_id
_entity_poly.type
_entity_poly.pdbx_seq_one_letter_code
_entity_poly.pdbx_strand_id
1 'polypeptide(L)'
;MSRKKNPSVIQFEKAITEKNYEAACTELLDILNKIDTNFGDIEGIDFDYPQQLETLMQDRIVYFCTRMSNAITQLFCDPQ
FSLSESGANRFFVVQRWLNLIFASSPYINADHILQTYNCNPERDSIYDIYLEPNKNVLMKFAVLYLPESNVNLNLDTMWE
TDKNICGSLCFALQSPRFIGTPAAFSKRSTILQWFPAKLEQFHVLDDLPSNISHDVYMHCSYDTAENKHNVKKALNQVIR
SHLLKCGWQDRQITQIGMRNGKPVMVVVLEHFHSSHSIYRTHSTSMIAAREQFYLIGLGNNAVDQAGRDVFDEFHEFDGS
NILKKLAFLKEMCEKNDAAVLYMPSIGMDLATIFVSNARFAPIQVIALGHPATTHSEFIEYVIVEDDYVGSESCFSETLL
RLPKDALPYVPSSLAPTDVQYVLRETPEVVNIGIAATTMKLNPYFLETLKTIRDRAKVKVHFHFALGQSIGITHPYVARF
IRSYLGDDATAHPHSPYNRYLDILHNCDMMLNPFPFGNTNGIIDMVTLGLVGVCKTGPEVHEHIDEGLFKRLGLPEWLIA
DSVEDYIERAIRLAENHQERLALRRHIIENNGLKTLFSGDPSPMGKTLFAKLTEWRQTNGI
;
A,B
2 'polypeptide(L)' FGNWTT C,D
#
loop_
_chem_comp.id
_chem_comp.type
_chem_comp.name
_chem_comp.formula
UDP RNA linking URIDINE-5'-DIPHOSPHATE 'C9 H14 N2 O12 P2'
#
# COMPACT_ATOMS: atom_id res chain seq x y z
N MET A 1 28.00 -18.28 2.78
CA MET A 1 28.87 -18.45 4.02
C MET A 1 28.59 -17.36 5.05
N SER A 2 28.31 -17.74 6.30
CA SER A 2 27.78 -16.82 7.35
C SER A 2 28.00 -17.42 8.74
N ARG A 3 28.00 -16.58 9.77
CA ARG A 3 28.34 -17.02 11.16
C ARG A 3 27.47 -18.22 11.58
N LYS A 4 26.16 -18.26 11.25
CA LYS A 4 25.17 -19.13 11.95
C LYS A 4 23.98 -19.41 11.01
N LYS A 5 23.51 -20.65 10.97
CA LYS A 5 22.29 -21.08 10.22
C LYS A 5 21.17 -20.06 10.43
N ASN A 6 20.52 -19.65 9.35
CA ASN A 6 19.34 -18.75 9.47
C ASN A 6 18.16 -19.56 9.91
N PRO A 7 17.26 -18.93 10.68
CA PRO A 7 15.91 -19.47 10.86
C PRO A 7 15.26 -19.58 9.47
N SER A 8 14.56 -20.68 9.22
CA SER A 8 13.86 -20.96 7.94
C SER A 8 12.34 -21.07 8.17
N VAL A 9 11.54 -20.33 7.42
CA VAL A 9 10.05 -20.46 7.40
C VAL A 9 9.71 -21.86 6.86
N ILE A 10 10.48 -22.36 5.90
CA ILE A 10 10.23 -23.71 5.31
C ILE A 10 10.44 -24.78 6.40
N GLN A 11 11.54 -24.69 7.16
CA GLN A 11 11.84 -25.62 8.28
C GLN A 11 10.64 -25.65 9.23
N PHE A 12 10.14 -24.46 9.55
CA PHE A 12 8.95 -24.24 10.42
C PHE A 12 7.72 -24.94 9.81
N GLU A 13 7.50 -24.77 8.52
CA GLU A 13 6.29 -25.30 7.83
C GLU A 13 6.41 -26.82 7.81
N LYS A 14 7.59 -27.38 7.53
CA LYS A 14 7.83 -28.85 7.44
C LYS A 14 7.50 -29.48 8.79
N ALA A 15 7.93 -28.84 9.87
CA ALA A 15 7.71 -29.28 11.26
C ALA A 15 6.22 -29.37 11.52
N ILE A 16 5.43 -28.40 11.07
CA ILE A 16 3.98 -28.35 11.37
C ILE A 16 3.29 -29.49 10.60
N THR A 17 3.78 -29.82 9.42
CA THR A 17 3.26 -30.89 8.52
C THR A 17 3.46 -32.27 9.21
N GLU A 18 4.66 -32.57 9.67
CA GLU A 18 5.01 -33.83 10.39
C GLU A 18 4.52 -33.79 11.85
N LYS A 19 3.85 -32.73 12.29
CA LYS A 19 3.36 -32.56 13.68
C LYS A 19 4.50 -32.72 14.69
N ASN A 20 5.68 -32.19 14.37
CA ASN A 20 6.84 -32.09 15.29
C ASN A 20 6.80 -30.73 16.00
N TYR A 21 5.85 -30.60 16.91
CA TYR A 21 5.52 -29.36 17.63
C TYR A 21 6.76 -28.74 18.28
N GLU A 22 7.74 -29.53 18.73
CA GLU A 22 8.85 -28.95 19.53
C GLU A 22 9.84 -28.34 18.54
N ALA A 23 10.07 -28.99 17.40
CA ALA A 23 10.87 -28.43 16.28
C ALA A 23 10.18 -27.15 15.78
N ALA A 24 8.85 -27.17 15.69
CA ALA A 24 8.03 -26.07 15.17
C ALA A 24 8.17 -24.84 16.07
N CYS A 25 7.90 -24.98 17.38
CA CYS A 25 8.13 -23.87 18.34
C CYS A 25 9.57 -23.41 18.29
N THR A 26 10.52 -24.34 18.24
CA THR A 26 11.94 -23.95 18.22
C THR A 26 12.16 -23.08 16.98
N GLU A 27 11.63 -23.49 15.81
CA GLU A 27 11.93 -22.72 14.59
C GLU A 27 11.25 -21.38 14.69
N LEU A 28 10.06 -21.34 15.25
CA LEU A 28 9.31 -20.07 15.40
C LEU A 28 10.05 -19.14 16.36
N LEU A 29 10.51 -19.64 17.50
CA LEU A 29 11.22 -18.75 18.46
C LEU A 29 12.52 -18.33 17.83
N ASP A 30 13.17 -19.20 17.06
CA ASP A 30 14.42 -18.83 16.38
C ASP A 30 14.15 -17.64 15.45
N ILE A 31 13.00 -17.65 14.75
CA ILE A 31 12.66 -16.60 13.75
C ILE A 31 12.33 -15.32 14.50
N LEU A 32 11.50 -15.38 15.55
CA LEU A 32 11.10 -14.15 16.27
C LEU A 32 12.35 -13.58 16.92
N ASN A 33 13.20 -14.42 17.54
CA ASN A 33 14.41 -13.93 18.26
C ASN A 33 15.27 -13.15 17.26
N LYS A 34 15.32 -13.60 16.01
CA LYS A 34 16.25 -12.96 15.06
C LYS A 34 15.67 -11.62 14.65
N ILE A 35 14.35 -11.57 14.44
CA ILE A 35 13.62 -10.32 14.11
C ILE A 35 13.85 -9.32 15.25
N ASP A 36 13.71 -9.77 16.49
CA ASP A 36 13.88 -8.94 17.71
C ASP A 36 15.29 -8.34 17.70
N THR A 37 16.30 -9.15 17.43
CA THR A 37 17.71 -8.70 17.32
C THR A 37 17.83 -7.62 16.24
N ASN A 38 17.06 -7.70 15.16
CA ASN A 38 17.18 -6.75 14.03
C ASN A 38 16.08 -5.69 14.03
N PHE A 39 15.36 -5.54 15.13
CA PHE A 39 14.32 -4.49 15.30
C PHE A 39 13.33 -4.56 14.15
N GLY A 40 13.02 -5.76 13.68
CA GLY A 40 11.92 -5.95 12.74
C GLY A 40 12.40 -6.25 11.35
N ASP A 41 13.68 -6.08 11.05
CA ASP A 41 14.17 -6.47 9.70
C ASP A 41 14.08 -8.00 9.58
N ILE A 42 13.73 -8.51 8.39
CA ILE A 42 13.67 -9.97 8.12
C ILE A 42 14.83 -10.39 7.22
N GLU A 43 15.89 -9.60 7.11
CA GLU A 43 17.13 -10.07 6.42
C GLU A 43 17.64 -11.32 7.16
N GLY A 44 18.05 -12.34 6.45
CA GLY A 44 18.61 -13.53 7.13
C GLY A 44 17.55 -14.34 7.84
N ILE A 45 16.30 -14.25 7.38
CA ILE A 45 15.26 -15.27 7.60
C ILE A 45 15.02 -15.93 6.25
N ASP A 46 14.94 -17.26 6.24
CA ASP A 46 14.97 -18.01 4.96
C ASP A 46 13.54 -18.29 4.53
N PHE A 47 13.17 -17.89 3.32
CA PHE A 47 11.88 -18.22 2.71
C PHE A 47 11.93 -17.95 1.21
N ASP A 48 11.31 -18.84 0.42
CA ASP A 48 11.08 -18.73 -1.05
C ASP A 48 9.92 -17.78 -1.24
N TYR A 49 9.84 -17.11 -2.39
CA TYR A 49 8.72 -16.18 -2.67
C TYR A 49 8.56 -15.96 -4.18
N PRO A 50 7.37 -15.56 -4.66
CA PRO A 50 7.20 -15.24 -6.07
C PRO A 50 8.12 -14.09 -6.55
N GLN A 51 8.73 -14.30 -7.73
CA GLN A 51 9.80 -13.42 -8.27
C GLN A 51 9.27 -11.99 -8.43
N GLN A 52 7.97 -11.79 -8.66
CA GLN A 52 7.37 -10.44 -8.73
C GLN A 52 7.70 -9.62 -7.47
N LEU A 53 8.12 -10.23 -6.37
CA LEU A 53 8.36 -9.50 -5.09
C LEU A 53 9.85 -9.26 -4.86
N GLU A 54 10.71 -9.61 -5.83
CA GLU A 54 12.19 -9.47 -5.70
C GLU A 54 12.55 -8.03 -5.35
N THR A 55 11.88 -7.05 -5.93
CA THR A 55 12.29 -5.62 -5.93
C THR A 55 11.25 -4.77 -5.19
N LEU A 56 10.29 -5.39 -4.51
CA LEU A 56 9.16 -4.66 -3.85
C LEU A 56 9.15 -4.97 -2.35
N MET A 57 9.87 -4.22 -1.54
CA MET A 57 10.17 -4.61 -0.15
C MET A 57 8.89 -4.66 0.67
N GLN A 58 8.05 -3.65 0.57
CA GLN A 58 6.87 -3.57 1.46
C GLN A 58 5.95 -4.77 1.20
N ASP A 59 5.90 -5.26 -0.04
CA ASP A 59 5.02 -6.37 -0.50
C ASP A 59 5.66 -7.69 -0.06
N ARG A 60 6.98 -7.80 -0.14
CA ARG A 60 7.75 -8.96 0.37
C ARG A 60 7.43 -9.11 1.86
N ILE A 61 7.43 -8.00 2.60
CA ILE A 61 7.28 -8.06 4.08
C ILE A 61 5.89 -8.60 4.39
N VAL A 62 4.88 -8.10 3.70
CA VAL A 62 3.47 -8.55 3.86
C VAL A 62 3.38 -10.03 3.49
N TYR A 63 4.02 -10.48 2.43
CA TYR A 63 4.01 -11.94 2.05
C TYR A 63 4.54 -12.73 3.25
N PHE A 64 5.74 -12.36 3.72
CA PHE A 64 6.35 -12.97 4.93
C PHE A 64 5.36 -13.00 6.09
N CYS A 65 4.75 -11.90 6.43
CA CYS A 65 3.81 -11.84 7.59
C CYS A 65 2.61 -12.75 7.33
N THR A 66 2.13 -12.82 6.10
CA THR A 66 0.96 -13.66 5.81
C THR A 66 1.35 -15.15 5.93
N ARG A 67 2.52 -15.50 5.42
CA ARG A 67 2.94 -16.92 5.38
C ARG A 67 3.19 -17.38 6.83
N MET A 68 3.90 -16.56 7.60
CA MET A 68 4.10 -16.84 9.05
C MET A 68 2.74 -16.93 9.74
N SER A 69 1.83 -15.98 9.51
CA SER A 69 0.47 -15.98 10.11
C SER A 69 -0.22 -17.30 9.77
N ASN A 70 -0.10 -17.77 8.53
CA ASN A 70 -0.76 -19.02 8.07
C ASN A 70 -0.17 -20.19 8.86
N ALA A 71 1.15 -20.23 9.02
CA ALA A 71 1.85 -21.34 9.68
C ALA A 71 1.46 -21.39 11.16
N ILE A 72 1.54 -20.24 11.84
CA ILE A 72 1.24 -20.09 13.30
C ILE A 72 -0.20 -20.52 13.57
N THR A 73 -1.11 -20.20 12.65
CA THR A 73 -2.53 -20.68 12.70
C THR A 73 -2.57 -22.21 12.67
N GLN A 74 -1.90 -22.88 11.73
CA GLN A 74 -2.01 -24.35 11.58
C GLN A 74 -1.50 -25.00 12.87
N LEU A 75 -0.42 -24.46 13.45
CA LEU A 75 0.20 -24.92 14.71
C LEU A 75 -0.72 -24.68 15.91
N PHE A 76 -1.02 -23.45 16.27
CA PHE A 76 -1.70 -23.12 17.54
C PHE A 76 -3.17 -23.60 17.53
N CYS A 77 -3.80 -23.83 16.38
CA CYS A 77 -5.17 -24.39 16.30
C CYS A 77 -5.16 -25.90 16.55
N ASP A 78 -4.09 -26.62 16.20
CA ASP A 78 -3.98 -28.07 16.47
C ASP A 78 -4.20 -28.28 17.96
N PRO A 79 -5.22 -29.06 18.39
CA PRO A 79 -5.44 -29.29 19.81
C PRO A 79 -4.41 -30.28 20.38
N GLN A 80 -3.81 -31.10 19.51
CA GLN A 80 -2.70 -32.02 19.88
C GLN A 80 -1.44 -31.26 20.30
N PHE A 81 -1.37 -29.95 20.05
CA PHE A 81 -0.19 -29.12 20.35
C PHE A 81 -0.29 -28.62 21.79
N SER A 82 0.56 -29.18 22.65
CA SER A 82 0.75 -28.77 24.06
C SER A 82 1.91 -27.78 24.12
N LEU A 83 1.76 -26.68 24.83
CA LEU A 83 2.81 -25.64 25.00
C LEU A 83 3.38 -25.71 26.43
N SER A 84 4.68 -25.90 26.61
CA SER A 84 5.31 -25.93 27.95
C SER A 84 5.28 -24.53 28.58
N GLU A 85 5.52 -24.44 29.88
CA GLU A 85 5.55 -23.13 30.58
C GLU A 85 6.79 -22.37 30.11
N SER A 86 7.90 -23.06 29.87
CA SER A 86 9.13 -22.43 29.34
C SER A 86 8.88 -21.91 27.89
N GLY A 87 8.19 -22.71 27.06
CA GLY A 87 7.71 -22.27 25.73
C GLY A 87 6.96 -20.95 25.85
N ALA A 88 5.94 -20.91 26.70
CA ALA A 88 5.13 -19.71 26.91
C ALA A 88 6.02 -18.55 27.39
N ASN A 89 7.00 -18.80 28.27
CA ASN A 89 7.75 -17.64 28.85
C ASN A 89 8.55 -17.04 27.69
N ARG A 90 9.06 -17.88 26.80
CA ARG A 90 9.93 -17.43 25.68
C ARG A 90 9.11 -16.63 24.68
N PHE A 91 7.88 -17.07 24.39
CA PHE A 91 6.91 -16.38 23.48
C PHE A 91 6.47 -15.04 24.05
N PHE A 92 6.20 -14.94 25.35
CA PHE A 92 5.78 -13.65 25.98
C PHE A 92 6.84 -12.58 25.75
N VAL A 93 8.11 -12.94 25.69
CA VAL A 93 9.24 -11.99 25.48
C VAL A 93 9.16 -11.40 24.08
N VAL A 94 8.66 -12.20 23.14
CA VAL A 94 8.64 -11.83 21.70
C VAL A 94 7.19 -11.69 21.25
N GLN A 95 6.21 -11.52 22.15
CA GLN A 95 4.82 -11.29 21.71
C GLN A 95 4.79 -10.05 20.81
N ARG A 96 5.59 -9.03 21.10
CA ARG A 96 5.60 -7.77 20.30
C ARG A 96 5.77 -8.10 18.81
N TRP A 97 6.62 -9.07 18.50
CA TRP A 97 6.86 -9.49 17.09
C TRP A 97 5.74 -10.40 16.57
N LEU A 98 5.23 -11.37 17.36
CA LEU A 98 3.97 -12.09 17.01
C LEU A 98 2.91 -11.07 16.62
N ASN A 99 2.74 -10.01 17.42
CA ASN A 99 1.70 -8.99 17.16
C ASN A 99 1.87 -8.50 15.73
N LEU A 100 3.10 -8.21 15.34
CA LEU A 100 3.39 -7.64 14.00
C LEU A 100 3.19 -8.68 12.90
N ILE A 101 3.51 -9.97 13.12
CA ILE A 101 3.30 -11.01 12.08
C ILE A 101 1.85 -10.91 11.63
N PHE A 102 0.91 -10.75 12.59
CA PHE A 102 -0.54 -10.75 12.31
C PHE A 102 -0.98 -9.33 11.92
N ALA A 103 -0.56 -8.34 12.67
CA ALA A 103 -0.94 -6.94 12.42
C ALA A 103 -0.45 -6.41 11.08
N SER A 104 0.73 -6.80 10.60
CA SER A 104 1.26 -6.35 9.29
C SER A 104 0.78 -7.24 8.13
N SER A 105 0.13 -8.36 8.46
CA SER A 105 -0.53 -9.25 7.47
C SER A 105 -1.90 -8.66 7.22
N PRO A 106 -2.66 -9.13 6.21
CA PRO A 106 -4.04 -8.69 6.05
C PRO A 106 -4.99 -9.14 7.17
N TYR A 107 -4.58 -9.99 8.10
CA TYR A 107 -5.53 -10.64 9.04
C TYR A 107 -5.72 -9.79 10.29
N ILE A 108 -4.85 -8.84 10.49
CA ILE A 108 -4.91 -7.83 11.60
C ILE A 108 -4.55 -8.45 12.95
N ASN A 109 -5.10 -9.61 13.31
CA ASN A 109 -4.76 -10.17 14.65
C ASN A 109 -5.01 -11.67 14.62
N ALA A 110 -4.99 -12.34 15.77
CA ALA A 110 -5.00 -13.81 15.85
C ALA A 110 -6.33 -14.26 16.44
N ASP A 111 -7.35 -13.44 16.26
CA ASP A 111 -8.62 -13.72 16.93
C ASP A 111 -9.22 -14.97 16.33
N HIS A 112 -8.95 -15.29 15.07
CA HIS A 112 -9.47 -16.53 14.45
C HIS A 112 -8.88 -17.76 15.16
N ILE A 113 -7.64 -17.70 15.65
CA ILE A 113 -7.06 -18.84 16.42
C ILE A 113 -7.83 -18.92 17.74
N LEU A 114 -7.86 -17.81 18.49
CA LEU A 114 -8.50 -17.77 19.81
C LEU A 114 -9.91 -18.32 19.73
N GLN A 115 -10.65 -18.15 18.62
CA GLN A 115 -12.09 -18.59 18.53
C GLN A 115 -12.15 -20.10 18.58
N THR A 116 -11.09 -20.80 18.17
CA THR A 116 -11.01 -22.28 18.12
C THR A 116 -10.89 -22.83 19.54
N TYR A 117 -10.54 -21.97 20.49
CA TYR A 117 -10.35 -22.36 21.90
C TYR A 117 -11.64 -22.15 22.69
N ASN A 118 -12.73 -21.81 22.05
CA ASN A 118 -13.96 -21.53 22.85
C ASN A 118 -14.74 -22.83 22.97
N CYS A 119 -15.17 -23.20 24.17
CA CYS A 119 -15.83 -24.52 24.43
C CYS A 119 -17.30 -24.32 24.82
N ASN A 120 -17.82 -23.09 24.73
CA ASN A 120 -19.15 -22.72 25.25
C ASN A 120 -19.99 -22.22 24.07
N PRO A 121 -20.83 -23.10 23.47
CA PRO A 121 -21.69 -22.68 22.37
C PRO A 121 -22.82 -21.73 22.80
N GLU A 122 -23.03 -21.52 24.10
CA GLU A 122 -24.19 -20.79 24.65
C GLU A 122 -23.78 -19.39 25.13
N ARG A 123 -22.82 -18.75 24.46
CA ARG A 123 -22.13 -17.54 24.99
C ARG A 123 -22.81 -16.27 24.45
N ASP A 124 -22.74 -15.18 25.20
CA ASP A 124 -23.48 -13.92 24.91
C ASP A 124 -22.90 -13.26 23.65
N SER A 125 -21.57 -13.13 23.55
CA SER A 125 -20.86 -12.40 22.46
C SER A 125 -19.90 -13.35 21.74
N ILE A 126 -19.58 -13.09 20.46
CA ILE A 126 -18.46 -13.77 19.72
C ILE A 126 -17.13 -13.26 20.29
N TYR A 127 -17.15 -12.15 21.02
CA TYR A 127 -15.97 -11.55 21.69
C TYR A 127 -15.64 -12.24 23.03
N ASP A 128 -16.50 -13.13 23.54
CA ASP A 128 -16.23 -13.87 24.80
C ASP A 128 -15.72 -15.24 24.43
N ILE A 129 -14.52 -15.59 24.90
CA ILE A 129 -13.89 -16.91 24.69
C ILE A 129 -13.91 -17.63 26.04
N TYR A 130 -14.60 -18.75 26.15
CA TYR A 130 -14.61 -19.61 27.37
C TYR A 130 -13.63 -20.75 27.15
N LEU A 131 -12.63 -20.91 28.03
CA LEU A 131 -11.54 -21.94 27.92
C LEU A 131 -11.88 -23.19 28.75
N GLU A 132 -11.65 -24.38 28.20
CA GLU A 132 -11.52 -25.63 28.98
C GLU A 132 -10.64 -25.36 30.21
N PRO A 133 -10.94 -25.93 31.39
CA PRO A 133 -10.07 -25.77 32.56
C PRO A 133 -8.75 -26.60 32.53
N ASN A 134 -7.70 -25.99 31.96
CA ASN A 134 -6.30 -26.52 31.96
C ASN A 134 -5.29 -25.45 31.50
N LYS A 135 -4.06 -25.61 31.97
CA LYS A 135 -2.97 -24.63 31.81
C LYS A 135 -2.61 -24.54 30.33
N ASN A 136 -2.57 -25.69 29.62
CA ASN A 136 -2.15 -25.71 28.20
C ASN A 136 -2.90 -24.61 27.44
N VAL A 137 -4.23 -24.67 27.47
CA VAL A 137 -5.08 -23.86 26.56
C VAL A 137 -4.93 -22.39 26.98
N LEU A 138 -4.84 -22.14 28.27
CA LEU A 138 -4.77 -20.78 28.82
C LEU A 138 -3.50 -20.11 28.31
N MET A 139 -2.39 -20.84 28.24
CA MET A 139 -1.11 -20.24 27.78
C MET A 139 -1.18 -19.95 26.29
N LYS A 140 -1.71 -20.89 25.49
CA LYS A 140 -1.94 -20.67 24.03
C LYS A 140 -2.82 -19.42 23.87
N PHE A 141 -3.84 -19.28 24.69
CA PHE A 141 -4.72 -18.10 24.62
C PHE A 141 -3.91 -16.83 24.95
N ALA A 142 -3.17 -16.83 26.05
CA ALA A 142 -2.51 -15.59 26.50
C ALA A 142 -1.40 -15.22 25.49
N VAL A 143 -0.70 -16.21 24.97
CA VAL A 143 0.38 -15.92 23.99
C VAL A 143 -0.24 -15.21 22.80
N LEU A 144 -1.43 -15.64 22.38
CA LEU A 144 -2.05 -15.12 21.13
C LEU A 144 -3.07 -14.03 21.45
N TYR A 145 -3.05 -13.50 22.65
CA TYR A 145 -3.88 -12.32 22.99
C TYR A 145 -3.06 -11.06 22.71
N LEU A 146 -3.08 -10.63 21.45
CA LEU A 146 -2.13 -9.62 20.95
C LEU A 146 -2.68 -8.20 21.14
N PRO A 147 -1.80 -7.18 21.12
CA PRO A 147 -2.18 -5.78 21.16
C PRO A 147 -3.38 -5.43 20.27
N GLU A 148 -3.50 -6.01 19.08
CA GLU A 148 -4.65 -5.71 18.20
C GLU A 148 -5.80 -6.69 18.41
N SER A 149 -5.78 -7.50 19.46
CA SER A 149 -6.92 -8.41 19.73
C SER A 149 -8.19 -7.58 19.95
N ASN A 150 -9.34 -8.03 19.45
CA ASN A 150 -10.66 -7.41 19.68
C ASN A 150 -11.48 -8.33 20.57
N VAL A 151 -10.84 -9.31 21.20
CA VAL A 151 -11.49 -10.30 22.09
C VAL A 151 -11.48 -9.72 23.52
N ASN A 152 -12.54 -10.00 24.29
CA ASN A 152 -12.70 -9.55 25.69
C ASN A 152 -11.70 -10.30 26.57
N LEU A 153 -11.06 -9.59 27.48
CA LEU A 153 -10.29 -10.22 28.57
C LEU A 153 -10.51 -9.41 29.81
N ASN A 154 -10.73 -10.06 30.96
CA ASN A 154 -10.88 -9.36 32.25
C ASN A 154 -9.70 -9.70 33.14
N LEU A 155 -8.91 -8.70 33.51
CA LEU A 155 -7.63 -8.90 34.22
C LEU A 155 -7.90 -9.53 35.59
N ASP A 156 -9.02 -9.20 36.23
CA ASP A 156 -9.40 -9.75 37.54
C ASP A 156 -9.65 -11.25 37.41
N THR A 157 -10.29 -11.69 36.33
CA THR A 157 -10.60 -13.12 36.10
C THR A 157 -9.28 -13.85 35.82
N MET A 158 -8.38 -13.20 35.08
CA MET A 158 -7.08 -13.74 34.64
C MET A 158 -6.13 -13.88 35.85
N TRP A 159 -6.05 -12.83 36.66
CA TRP A 159 -5.24 -12.76 37.91
C TRP A 159 -5.61 -13.90 38.84
N GLU A 160 -6.91 -14.16 39.02
CA GLU A 160 -7.42 -15.21 39.95
C GLU A 160 -7.19 -16.62 39.35
N THR A 161 -6.77 -16.77 38.10
CA THR A 161 -6.62 -18.07 37.41
C THR A 161 -5.16 -18.56 37.45
N ASP A 162 -4.20 -17.74 36.96
CA ASP A 162 -2.73 -17.87 37.21
C ASP A 162 -2.09 -16.47 37.19
N LYS A 163 -1.60 -16.00 38.34
CA LYS A 163 -0.86 -14.73 38.48
C LYS A 163 0.28 -14.64 37.46
N ASN A 164 1.02 -15.72 37.23
CA ASN A 164 2.25 -15.68 36.39
C ASN A 164 1.88 -15.45 34.92
N ILE A 165 0.85 -16.13 34.42
CA ILE A 165 0.36 -15.89 33.03
C ILE A 165 -0.14 -14.44 32.95
N CYS A 166 -0.95 -14.02 33.91
CA CYS A 166 -1.51 -12.65 33.89
C CYS A 166 -0.40 -11.60 33.92
N GLY A 167 0.58 -11.77 34.81
CA GLY A 167 1.71 -10.85 34.95
C GLY A 167 2.50 -10.83 33.65
N SER A 168 2.73 -12.00 33.05
CA SER A 168 3.57 -12.12 31.84
C SER A 168 2.88 -11.37 30.71
N LEU A 169 1.57 -11.56 30.55
CA LEU A 169 0.82 -10.94 29.44
C LEU A 169 0.85 -9.42 29.63
N CYS A 170 0.74 -8.90 30.85
CA CYS A 170 0.79 -7.44 31.10
C CYS A 170 2.16 -6.87 30.72
N PHE A 171 3.23 -7.64 30.98
CA PHE A 171 4.58 -7.24 30.56
C PHE A 171 4.58 -7.22 29.03
N ALA A 172 4.11 -8.32 28.44
CA ALA A 172 4.19 -8.50 26.97
C ALA A 172 3.43 -7.35 26.28
N LEU A 173 2.30 -6.91 26.83
CA LEU A 173 1.43 -5.89 26.18
C LEU A 173 1.93 -4.44 26.38
N GLN A 174 2.93 -4.24 27.23
CA GLN A 174 3.55 -2.91 27.43
C GLN A 174 4.84 -2.85 26.60
N SER A 175 5.25 -3.98 26.02
CA SER A 175 6.62 -4.18 25.48
C SER A 175 6.81 -3.59 24.08
N PRO A 176 5.78 -3.50 23.20
CA PRO A 176 6.00 -3.03 21.84
C PRO A 176 6.48 -1.58 21.76
N ARG A 177 7.37 -1.26 20.83
CA ARG A 177 7.86 0.13 20.56
C ARG A 177 6.78 0.93 19.81
N PHE A 178 5.85 0.28 19.12
CA PHE A 178 4.61 0.90 18.59
C PHE A 178 3.38 0.28 19.29
N ILE A 179 2.68 1.12 20.07
CA ILE A 179 1.40 0.85 20.80
C ILE A 179 0.44 2.00 20.56
N GLY A 180 0.23 2.42 19.32
CA GLY A 180 -0.45 3.69 18.97
C GLY A 180 -1.90 3.49 18.54
N THR A 181 -2.27 2.31 18.06
CA THR A 181 -3.64 2.00 17.59
C THR A 181 -4.57 2.06 18.79
N PRO A 182 -5.87 2.36 18.57
CA PRO A 182 -6.85 2.27 19.64
C PRO A 182 -6.83 0.97 20.47
N ALA A 183 -6.79 -0.20 19.84
CA ALA A 183 -6.81 -1.48 20.60
C ALA A 183 -5.55 -1.57 21.49
N ALA A 184 -4.38 -1.28 20.95
CA ALA A 184 -3.10 -1.49 21.66
C ALA A 184 -2.97 -0.45 22.76
N PHE A 185 -3.21 0.82 22.43
CA PHE A 185 -2.99 1.97 23.34
C PHE A 185 -3.94 1.89 24.53
N SER A 186 -5.13 1.35 24.32
CA SER A 186 -6.16 1.25 25.37
C SER A 186 -5.90 0.00 26.23
N LYS A 187 -5.42 -1.10 25.66
CA LYS A 187 -4.98 -2.23 26.51
C LYS A 187 -3.90 -1.73 27.47
N ARG A 188 -2.95 -0.93 26.97
CA ARG A 188 -1.76 -0.46 27.74
C ARG A 188 -2.25 0.56 28.78
N SER A 189 -3.15 1.46 28.40
CA SER A 189 -3.76 2.49 29.32
C SER A 189 -4.30 1.82 30.58
N THR A 190 -5.11 0.78 30.36
CA THR A 190 -5.78 -0.06 31.38
C THR A 190 -4.71 -0.74 32.23
N ILE A 191 -3.75 -1.40 31.59
CA ILE A 191 -2.66 -2.13 32.31
C ILE A 191 -1.98 -1.18 33.32
N LEU A 192 -1.61 0.04 32.90
CA LEU A 192 -0.86 1.05 33.71
C LEU A 192 -1.66 1.47 34.94
N GLN A 193 -3.00 1.37 34.92
CA GLN A 193 -3.87 1.65 36.10
C GLN A 193 -3.98 0.41 36.98
N TRP A 194 -3.99 -0.78 36.41
CA TRP A 194 -4.44 -2.00 37.13
C TRP A 194 -3.25 -2.75 37.68
N PHE A 195 -2.18 -2.81 36.90
CA PHE A 195 -1.06 -3.74 37.10
C PHE A 195 -0.13 -3.31 38.24
N PRO A 196 0.26 -2.01 38.42
CA PRO A 196 1.22 -1.65 39.46
C PRO A 196 0.86 -2.29 40.81
N ALA A 197 -0.40 -2.24 41.27
CA ALA A 197 -0.79 -2.87 42.57
C ALA A 197 -0.58 -4.41 42.55
N LYS A 198 -0.62 -5.04 41.38
CA LYS A 198 -0.47 -6.51 41.24
C LYS A 198 1.01 -6.85 41.17
N LEU A 199 1.81 -5.99 40.53
CA LEU A 199 3.26 -6.23 40.32
C LEU A 199 4.04 -6.05 41.63
N GLU A 200 3.60 -5.18 42.54
CA GLU A 200 4.14 -5.05 43.91
C GLU A 200 4.14 -6.44 44.59
N GLN A 201 3.11 -7.26 44.39
CA GLN A 201 2.99 -8.58 45.09
C GLN A 201 4.14 -9.54 44.69
N PHE A 202 4.93 -9.27 43.66
CA PHE A 202 5.99 -10.18 43.15
C PHE A 202 7.34 -9.94 43.87
N HIS A 203 8.04 -11.03 44.25
CA HIS A 203 9.33 -11.00 45.01
C HIS A 203 10.53 -11.15 44.05
N VAL A 204 10.27 -11.63 42.82
CA VAL A 204 11.32 -11.94 41.82
C VAL A 204 10.78 -11.74 40.39
N LEU A 205 11.71 -11.68 39.43
CA LEU A 205 11.44 -11.65 37.98
C LEU A 205 11.48 -13.06 37.38
N ASP A 206 11.71 -14.09 38.19
CA ASP A 206 12.08 -15.47 37.72
C ASP A 206 10.94 -16.04 36.86
N ASP A 207 9.69 -15.67 37.12
CA ASP A 207 8.48 -16.23 36.44
C ASP A 207 7.79 -15.22 35.51
N LEU A 208 8.31 -14.00 35.38
CA LEU A 208 7.87 -12.95 34.43
C LEU A 208 8.81 -12.89 33.23
N PRO A 209 8.43 -12.25 32.09
CA PRO A 209 9.38 -12.09 30.99
C PRO A 209 10.36 -10.93 31.29
N SER A 210 11.47 -11.25 31.97
CA SER A 210 12.41 -10.26 32.56
C SER A 210 13.11 -9.47 31.45
N ASN A 211 13.38 -10.05 30.29
CA ASN A 211 14.26 -9.40 29.27
C ASN A 211 13.52 -8.28 28.54
N ILE A 212 12.24 -8.03 28.87
CA ILE A 212 11.48 -6.86 28.37
C ILE A 212 11.05 -5.98 29.54
N SER A 213 11.73 -6.11 30.68
CA SER A 213 11.44 -5.31 31.89
C SER A 213 11.75 -3.84 31.60
N HIS A 214 12.87 -3.54 30.93
CA HIS A 214 13.28 -2.15 30.66
C HIS A 214 12.25 -1.51 29.73
N ASP A 215 11.68 -2.28 28.80
CA ASP A 215 10.57 -1.81 27.93
C ASP A 215 9.37 -1.39 28.79
N VAL A 216 8.95 -2.22 29.75
CA VAL A 216 7.79 -1.92 30.63
C VAL A 216 8.00 -0.57 31.31
N TYR A 217 9.23 -0.36 31.76
CA TYR A 217 9.74 0.81 32.51
C TYR A 217 9.78 2.06 31.62
N MET A 218 10.37 1.96 30.44
CA MET A 218 10.54 3.12 29.52
C MET A 218 9.18 3.50 28.92
N HIS A 219 8.41 2.52 28.47
CA HIS A 219 7.27 2.74 27.54
C HIS A 219 6.09 3.39 28.27
N CYS A 220 6.08 3.46 29.59
CA CYS A 220 4.89 3.97 30.30
C CYS A 220 4.89 5.48 30.14
N SER A 221 6.05 6.10 29.87
CA SER A 221 6.12 7.57 29.69
C SER A 221 5.25 8.06 28.53
N TYR A 222 4.87 7.16 27.60
CA TYR A 222 4.11 7.46 26.36
C TYR A 222 2.58 7.34 26.53
N ASP A 223 2.04 6.84 27.66
CA ASP A 223 0.59 6.98 28.01
C ASP A 223 0.29 8.46 28.31
N THR A 224 -0.99 8.80 28.47
CA THR A 224 -1.47 10.19 28.77
C THR A 224 -1.83 10.40 30.24
N ALA A 225 -2.06 9.34 31.02
CA ALA A 225 -2.46 9.39 32.45
C ALA A 225 -1.41 10.14 33.27
N GLU A 226 -1.88 10.92 34.25
CA GLU A 226 -1.02 11.71 35.17
C GLU A 226 -0.17 10.74 36.00
N ASN A 227 -0.74 9.61 36.42
CA ASN A 227 -0.08 8.63 37.34
C ASN A 227 0.57 7.48 36.56
N LYS A 228 0.94 7.71 35.28
CA LYS A 228 1.40 6.66 34.34
C LYS A 228 2.74 6.03 34.76
N HIS A 229 3.60 6.72 35.51
CA HIS A 229 4.93 6.19 35.89
C HIS A 229 4.81 5.24 37.10
N ASN A 230 3.64 5.08 37.72
CA ASN A 230 3.49 4.21 38.92
C ASN A 230 4.09 2.82 38.68
N VAL A 231 3.90 2.23 37.51
CA VAL A 231 4.41 0.85 37.28
C VAL A 231 5.92 0.82 37.57
N LYS A 232 6.63 1.94 37.42
CA LYS A 232 8.10 1.99 37.63
C LYS A 232 8.42 1.79 39.10
N LYS A 233 7.62 2.39 40.00
CA LYS A 233 7.78 2.22 41.46
C LYS A 233 7.58 0.73 41.77
N ALA A 234 6.48 0.14 41.32
CA ALA A 234 6.20 -1.29 41.49
C ALA A 234 7.40 -2.09 41.00
N LEU A 235 7.89 -1.80 39.81
CA LEU A 235 8.97 -2.59 39.18
C LEU A 235 10.27 -2.41 39.98
N ASN A 236 10.55 -1.18 40.42
CA ASN A 236 11.76 -0.85 41.22
C ASN A 236 11.81 -1.77 42.45
N GLN A 237 10.67 -1.96 43.11
CA GLN A 237 10.52 -2.87 44.27
C GLN A 237 10.85 -4.33 43.91
N VAL A 238 10.39 -4.81 42.77
CA VAL A 238 10.58 -6.23 42.36
C VAL A 238 12.04 -6.43 41.98
N ILE A 239 12.64 -5.44 41.29
CA ILE A 239 14.08 -5.52 40.89
C ILE A 239 14.92 -5.54 42.17
N ARG A 240 14.59 -4.68 43.12
CA ARG A 240 15.28 -4.60 44.43
C ARG A 240 15.15 -5.96 45.12
N SER A 241 13.95 -6.47 45.27
CA SER A 241 13.70 -7.78 45.91
C SER A 241 14.57 -8.85 45.22
N HIS A 242 14.52 -8.87 43.88
CA HIS A 242 15.20 -9.88 43.03
C HIS A 242 16.69 -9.83 43.29
N LEU A 243 17.21 -8.62 43.42
CA LEU A 243 18.66 -8.30 43.49
C LEU A 243 19.21 -8.80 44.83
N LEU A 244 18.59 -8.43 45.94
CA LEU A 244 18.91 -8.88 47.33
C LEU A 244 18.90 -10.43 47.41
N LYS A 245 17.92 -11.07 46.77
CA LYS A 245 17.71 -12.54 46.76
C LYS A 245 18.83 -13.25 45.98
N CYS A 246 19.60 -12.53 45.15
CA CYS A 246 20.81 -13.00 44.42
C CYS A 246 22.09 -12.76 45.26
N GLY A 247 21.92 -12.29 46.50
CA GLY A 247 23.00 -12.15 47.50
C GLY A 247 23.75 -10.87 47.32
N TRP A 248 23.07 -9.85 46.83
CA TRP A 248 23.63 -8.48 46.65
C TRP A 248 23.66 -7.81 48.01
N GLN A 249 24.80 -7.18 48.34
CA GLN A 249 25.02 -6.28 49.49
C GLN A 249 25.34 -4.92 48.92
N ASP A 250 24.79 -3.83 49.46
CA ASP A 250 25.16 -2.45 49.05
C ASP A 250 26.61 -2.13 49.45
N ARG A 251 27.25 -1.20 48.75
CA ARG A 251 28.56 -0.65 49.16
C ARG A 251 28.35 0.11 50.48
N GLN A 252 29.09 -0.28 51.52
CA GLN A 252 29.23 0.48 52.80
C GLN A 252 30.25 1.56 52.53
N ILE A 253 29.82 2.83 52.44
CA ILE A 253 30.63 4.04 52.06
C ILE A 253 31.46 4.53 53.28
N THR A 254 32.81 4.61 53.14
CA THR A 254 33.74 4.92 54.27
C THR A 254 35.03 5.66 53.88
N GLN A 255 35.23 6.14 52.65
CA GLN A 255 36.48 6.80 52.18
C GLN A 255 36.21 7.51 50.83
N ILE A 256 36.49 8.79 50.69
CA ILE A 256 36.41 9.46 49.37
C ILE A 256 37.81 9.47 48.75
N GLY A 257 38.01 8.70 47.68
CA GLY A 257 39.31 8.63 46.97
C GLY A 257 39.44 9.80 46.03
N MET A 258 40.68 10.20 45.79
CA MET A 258 41.06 11.29 44.84
C MET A 258 42.03 10.70 43.83
N ARG A 259 41.91 11.10 42.56
CA ARG A 259 42.79 10.71 41.44
C ARG A 259 43.12 12.00 40.69
N ASN A 260 44.41 12.27 40.44
CA ASN A 260 44.93 13.65 40.21
C ASN A 260 44.39 14.50 41.39
N GLY A 261 44.08 15.79 41.15
CA GLY A 261 43.49 16.68 42.16
C GLY A 261 42.20 16.14 42.78
N LYS A 262 41.30 15.61 41.94
CA LYS A 262 39.82 15.64 42.15
C LYS A 262 39.28 14.33 42.75
N PRO A 263 38.00 14.31 43.21
CA PRO A 263 37.30 13.05 43.50
C PRO A 263 36.80 12.32 42.25
N VAL A 264 36.43 11.06 42.41
CA VAL A 264 36.05 10.18 41.25
C VAL A 264 34.54 10.18 41.10
N MET A 265 34.09 10.48 39.88
CA MET A 265 32.69 10.29 39.42
C MET A 265 32.66 9.12 38.43
N VAL A 266 32.01 8.02 38.80
CA VAL A 266 31.79 6.89 37.86
C VAL A 266 30.52 7.22 37.06
N VAL A 267 30.63 7.08 35.73
CA VAL A 267 29.53 7.33 34.74
C VAL A 267 29.18 5.99 34.08
N VAL A 268 27.92 5.58 34.19
CA VAL A 268 27.38 4.33 33.56
C VAL A 268 26.52 4.74 32.37
N LEU A 269 26.88 4.26 31.18
CA LEU A 269 26.16 4.63 29.94
C LEU A 269 25.48 3.40 29.39
N GLU A 270 24.36 3.64 28.71
CA GLU A 270 23.61 2.62 27.95
C GLU A 270 24.01 2.80 26.47
N HIS A 271 23.55 3.91 25.87
CA HIS A 271 23.87 4.34 24.49
C HIS A 271 24.73 5.59 24.63
N PHE A 272 25.88 5.62 23.94
CA PHE A 272 26.78 6.80 23.86
C PHE A 272 27.76 6.69 22.69
N HIS A 273 27.50 7.40 21.59
CA HIS A 273 28.33 7.47 20.35
C HIS A 273 27.97 8.77 19.60
N SER A 274 28.90 9.30 18.82
CA SER A 274 28.92 10.71 18.36
C SER A 274 27.64 11.07 17.57
N SER A 275 26.84 10.08 17.15
CA SER A 275 25.60 10.34 16.35
C SER A 275 24.32 10.00 17.14
N HIS A 276 24.45 9.49 18.38
CA HIS A 276 23.33 9.14 19.31
C HIS A 276 22.79 10.38 20.07
N SER A 277 21.46 10.48 20.21
CA SER A 277 20.72 11.49 20.99
C SER A 277 21.45 11.87 22.27
N ILE A 278 21.95 10.89 23.00
CA ILE A 278 22.42 11.07 24.40
C ILE A 278 23.75 11.82 24.37
N TYR A 279 24.53 11.67 23.32
CA TYR A 279 25.86 12.32 23.22
C TYR A 279 25.65 13.78 22.80
N ARG A 280 24.73 13.98 21.88
CA ARG A 280 24.32 15.30 21.36
C ARG A 280 23.94 16.21 22.54
N THR A 281 23.11 15.72 23.47
CA THR A 281 22.58 16.51 24.63
C THR A 281 23.58 16.60 25.79
N HIS A 282 24.22 15.48 26.19
CA HIS A 282 24.83 15.33 27.54
C HIS A 282 26.36 15.28 27.56
N SER A 283 27.04 15.33 26.41
CA SER A 283 28.51 15.14 26.32
C SER A 283 29.24 16.39 26.84
N THR A 284 28.75 17.58 26.47
CA THR A 284 29.33 18.90 26.81
C THR A 284 29.47 19.04 28.34
N SER A 285 28.43 18.68 29.09
CA SER A 285 28.32 18.86 30.57
C SER A 285 29.23 17.86 31.29
N MET A 286 29.52 16.73 30.64
CA MET A 286 30.36 15.63 31.18
C MET A 286 31.84 15.94 30.93
N ILE A 287 32.14 16.56 29.80
CA ILE A 287 33.50 17.11 29.49
C ILE A 287 33.88 18.13 30.57
N ALA A 288 33.09 19.18 30.72
CA ALA A 288 33.23 20.27 31.70
C ALA A 288 33.26 19.77 33.15
N ALA A 289 32.46 18.77 33.50
CA ALA A 289 32.46 18.10 34.82
C ALA A 289 33.87 17.60 35.14
N ARG A 290 34.66 17.25 34.11
CA ARG A 290 36.03 16.68 34.24
C ARG A 290 37.02 17.70 34.85
N GLU A 291 36.63 18.96 35.02
CA GLU A 291 37.48 20.00 35.68
C GLU A 291 37.32 19.87 37.20
N GLN A 292 36.16 19.43 37.68
CA GLN A 292 35.84 19.30 39.15
C GLN A 292 36.10 17.87 39.63
N PHE A 293 35.88 16.87 38.76
CA PHE A 293 35.88 15.42 39.11
C PHE A 293 36.85 14.71 38.19
N TYR A 294 37.31 13.55 38.64
CA TYR A 294 37.97 12.54 37.78
C TYR A 294 36.88 11.57 37.28
N LEU A 295 36.86 11.34 35.95
CA LEU A 295 35.73 10.69 35.22
C LEU A 295 36.08 9.26 34.74
N ILE A 296 35.37 8.27 35.26
CA ILE A 296 35.44 6.86 34.80
C ILE A 296 34.15 6.57 34.04
N GLY A 297 34.25 6.28 32.75
CA GLY A 297 33.13 5.79 31.91
C GLY A 297 33.05 4.28 31.95
N LEU A 298 31.84 3.72 32.10
CA LEU A 298 31.54 2.27 31.93
C LEU A 298 30.51 2.15 30.81
N GLY A 299 30.73 1.24 29.87
CA GLY A 299 29.82 1.08 28.71
C GLY A 299 30.11 -0.19 27.92
N ASN A 300 29.33 -0.46 26.87
CA ASN A 300 29.55 -1.61 25.95
C ASN A 300 30.38 -1.11 24.77
N ASN A 301 30.78 -2.03 23.90
CA ASN A 301 31.69 -1.77 22.75
C ASN A 301 30.99 -0.86 21.74
N ALA A 302 29.65 -0.76 21.77
CA ALA A 302 28.83 0.16 20.93
C ALA A 302 29.34 1.61 21.05
N VAL A 303 29.76 2.04 22.25
CA VAL A 303 30.34 3.39 22.51
C VAL A 303 31.62 3.55 21.65
N ASP A 304 31.69 4.60 20.81
CA ASP A 304 32.74 4.80 19.77
C ASP A 304 33.99 5.41 20.42
N GLN A 305 34.96 5.89 19.62
CA GLN A 305 36.22 6.51 20.14
C GLN A 305 35.90 7.89 20.75
N ALA A 306 35.18 8.76 20.03
CA ALA A 306 34.77 10.11 20.47
C ALA A 306 33.97 10.04 21.79
N GLY A 307 33.29 8.92 22.05
CA GLY A 307 32.52 8.66 23.29
C GLY A 307 33.41 8.27 24.47
N ARG A 308 34.35 7.32 24.27
CA ARG A 308 35.38 6.93 25.27
C ARG A 308 36.21 8.15 25.69
N ASP A 309 36.44 9.05 24.74
CA ASP A 309 37.39 10.22 24.77
C ASP A 309 36.90 11.31 25.74
N VAL A 310 35.61 11.35 26.10
CA VAL A 310 35.12 12.38 27.06
C VAL A 310 35.45 11.95 28.52
N PHE A 311 36.03 10.76 28.72
CA PHE A 311 36.41 10.25 30.07
C PHE A 311 37.93 10.18 30.24
N ASP A 312 38.40 10.43 31.48
CA ASP A 312 39.81 10.28 31.90
C ASP A 312 40.22 8.83 31.60
N GLU A 313 39.41 7.85 32.04
CA GLU A 313 39.54 6.44 31.62
C GLU A 313 38.14 5.85 31.36
N PHE A 314 38.11 4.74 30.63
CA PHE A 314 36.90 4.04 30.15
C PHE A 314 37.13 2.53 30.18
N HIS A 315 36.11 1.78 30.56
CA HIS A 315 36.12 0.30 30.63
C HIS A 315 34.89 -0.23 29.90
N GLU A 316 35.12 -1.19 29.00
CA GLU A 316 34.03 -2.04 28.45
C GLU A 316 33.54 -2.94 29.60
N PHE A 317 32.22 -2.98 29.80
CA PHE A 317 31.47 -4.12 30.39
C PHE A 317 31.71 -5.32 29.49
N ASP A 318 32.26 -6.41 30.04
CA ASP A 318 32.55 -7.68 29.31
C ASP A 318 31.36 -8.62 29.46
N GLY A 319 30.28 -8.34 28.73
CA GLY A 319 29.20 -9.30 28.42
C GLY A 319 27.81 -8.76 28.74
N SER A 320 26.82 -9.64 28.72
CA SER A 320 25.39 -9.30 28.83
C SER A 320 24.84 -9.56 30.24
N ASN A 321 25.51 -10.39 31.06
CA ASN A 321 25.05 -10.84 32.42
C ASN A 321 25.01 -9.68 33.41
N ILE A 322 23.87 -9.45 34.06
CA ILE A 322 23.57 -8.21 34.84
C ILE A 322 24.30 -8.26 36.17
N LEU A 323 24.30 -9.43 36.81
CA LEU A 323 24.94 -9.66 38.13
C LEU A 323 26.46 -9.38 38.01
N LYS A 324 27.10 -9.85 36.94
CA LYS A 324 28.53 -9.64 36.65
C LYS A 324 28.79 -8.15 36.44
N LYS A 325 27.92 -7.47 35.69
CA LYS A 325 28.04 -6.01 35.40
C LYS A 325 27.90 -5.19 36.69
N LEU A 326 27.05 -5.58 37.63
CA LEU A 326 26.91 -4.85 38.92
C LEU A 326 28.07 -5.19 39.83
N ALA A 327 28.64 -6.39 39.68
CA ALA A 327 29.84 -6.83 40.41
C ALA A 327 31.02 -5.99 39.91
N PHE A 328 31.19 -5.83 38.59
CA PHE A 328 32.28 -5.03 37.97
C PHE A 328 32.14 -3.57 38.42
N LEU A 329 30.92 -3.06 38.57
CA LEU A 329 30.66 -1.65 38.93
C LEU A 329 30.92 -1.41 40.42
N LYS A 330 30.68 -2.40 41.27
CA LYS A 330 31.03 -2.34 42.72
C LYS A 330 32.55 -2.33 42.86
N GLU A 331 33.26 -3.23 42.18
CA GLU A 331 34.75 -3.32 42.18
C GLU A 331 35.28 -1.94 41.86
N MET A 332 34.74 -1.29 40.83
CA MET A 332 35.24 0.00 40.31
C MET A 332 35.03 1.06 41.38
N CYS A 333 33.85 1.11 41.95
CA CYS A 333 33.51 2.09 43.00
C CYS A 333 34.26 1.82 44.31
N GLU A 334 34.52 0.55 44.64
CA GLU A 334 35.24 0.12 45.87
C GLU A 334 36.74 0.43 45.78
N LYS A 335 37.31 0.26 44.59
CA LYS A 335 38.75 0.48 44.31
C LYS A 335 39.01 1.99 44.15
N ASN A 336 38.15 2.75 43.50
CA ASN A 336 38.34 4.22 43.34
C ASN A 336 37.61 5.00 44.45
N ASP A 337 36.96 4.29 45.38
CA ASP A 337 36.15 4.89 46.49
C ASP A 337 35.37 6.07 45.91
N ALA A 338 34.36 5.79 45.08
CA ALA A 338 33.68 6.78 44.21
C ALA A 338 32.76 7.62 45.08
N ALA A 339 32.64 8.88 44.71
CA ALA A 339 31.86 9.90 45.42
C ALA A 339 30.53 10.09 44.70
N VAL A 340 30.54 10.04 43.37
CA VAL A 340 29.35 10.31 42.54
C VAL A 340 29.16 9.20 41.50
N LEU A 341 27.91 8.77 41.36
CA LEU A 341 27.46 7.90 40.26
C LEU A 341 26.48 8.71 39.39
N TYR A 342 26.83 8.85 38.11
CA TYR A 342 26.07 9.63 37.10
C TYR A 342 25.70 8.64 36.01
N MET A 343 24.40 8.56 35.71
CA MET A 343 23.87 7.93 34.49
C MET A 343 23.10 9.01 33.74
N PRO A 344 23.57 9.42 32.53
CA PRO A 344 22.90 10.47 31.78
C PRO A 344 21.56 9.98 31.20
N SER A 345 21.49 8.68 30.89
CA SER A 345 20.23 7.97 30.51
C SER A 345 20.02 6.83 31.52
N ILE A 346 18.78 6.71 31.97
CA ILE A 346 18.30 5.49 32.67
C ILE A 346 17.00 5.03 32.04
N GLY A 347 16.92 3.74 31.73
CA GLY A 347 15.69 3.06 31.30
C GLY A 347 15.85 2.33 29.97
N MET A 348 16.97 2.51 29.26
CA MET A 348 17.09 1.97 27.87
C MET A 348 17.79 0.62 27.92
N ASP A 349 18.42 0.31 29.05
CA ASP A 349 19.14 -0.97 29.29
C ASP A 349 18.67 -1.47 30.67
N LEU A 350 18.44 -2.78 30.80
CA LEU A 350 17.94 -3.36 32.06
C LEU A 350 19.01 -3.21 33.13
N ALA A 351 20.30 -3.32 32.77
CA ALA A 351 21.45 -3.18 33.71
C ALA A 351 21.36 -1.87 34.46
N THR A 352 21.06 -0.77 33.78
CA THR A 352 21.02 0.61 34.34
C THR A 352 19.86 0.80 35.32
N ILE A 353 18.75 0.08 35.13
CA ILE A 353 17.62 0.09 36.10
C ILE A 353 18.01 -0.69 37.35
N PHE A 354 18.79 -1.77 37.23
CA PHE A 354 19.27 -2.54 38.40
C PHE A 354 20.20 -1.65 39.23
N VAL A 355 21.11 -0.95 38.55
CA VAL A 355 22.08 0.03 39.15
C VAL A 355 21.36 1.09 39.97
N SER A 356 20.21 1.59 39.53
CA SER A 356 19.43 2.66 40.20
C SER A 356 18.68 2.11 41.42
N ASN A 357 18.82 0.83 41.76
CA ASN A 357 18.14 0.14 42.90
C ASN A 357 19.21 -0.45 43.85
N ALA A 358 20.42 0.13 43.89
CA ALA A 358 21.53 -0.32 44.74
C ALA A 358 22.45 0.87 45.01
N ARG A 359 23.36 0.72 45.97
CA ARG A 359 24.21 1.81 46.50
C ARG A 359 25.63 1.52 46.08
N PHE A 360 26.23 2.46 45.36
CA PHE A 360 27.62 2.41 44.83
C PHE A 360 28.42 3.67 45.19
N ALA A 361 27.72 4.75 45.52
CA ALA A 361 28.29 6.08 45.84
C ALA A 361 27.29 6.84 46.70
N PRO A 362 27.78 7.74 47.57
CA PRO A 362 26.91 8.50 48.47
C PRO A 362 25.97 9.47 47.72
N ILE A 363 26.47 10.07 46.62
CA ILE A 363 25.70 10.95 45.68
C ILE A 363 25.43 10.18 44.38
N GLN A 364 24.18 9.75 44.11
CA GLN A 364 23.80 9.03 42.87
C GLN A 364 22.78 9.86 42.09
N VAL A 365 23.07 10.08 40.81
CA VAL A 365 22.46 11.16 39.97
C VAL A 365 22.04 10.60 38.61
N ILE A 366 20.92 11.07 38.09
CA ILE A 366 20.51 10.84 36.68
C ILE A 366 20.31 12.20 36.01
N ALA A 367 20.56 12.22 34.70
CA ALA A 367 20.03 13.21 33.75
C ALA A 367 18.82 12.60 33.04
N LEU A 368 18.31 13.29 32.02
CA LEU A 368 17.06 12.94 31.31
C LEU A 368 17.33 12.70 29.81
N GLY A 369 18.37 11.93 29.51
CA GLY A 369 18.41 11.04 28.34
C GLY A 369 17.01 10.54 28.05
N HIS A 370 16.42 9.76 28.98
CA HIS A 370 14.96 9.41 29.01
C HIS A 370 14.24 10.28 30.03
N PRO A 371 13.46 11.30 29.59
CA PRO A 371 12.89 12.31 30.50
C PRO A 371 11.70 11.83 31.32
N ALA A 372 11.97 10.94 32.30
CA ALA A 372 11.00 10.44 33.30
C ALA A 372 11.65 10.23 34.68
N THR A 373 10.88 10.46 35.75
CA THR A 373 11.21 10.04 37.15
C THR A 373 11.49 8.54 37.17
N THR A 374 12.31 8.10 38.13
CA THR A 374 12.73 6.70 38.34
C THR A 374 11.91 6.06 39.47
N HIS A 375 11.30 6.86 40.36
CA HIS A 375 10.60 6.37 41.58
C HIS A 375 11.53 5.43 42.35
N SER A 376 12.82 5.75 42.43
CA SER A 376 13.83 4.93 43.14
C SER A 376 14.29 5.63 44.43
N GLU A 377 14.37 4.88 45.53
CA GLU A 377 15.00 5.33 46.81
C GLU A 377 16.49 5.67 46.61
N PHE A 378 17.23 4.93 45.78
CA PHE A 378 18.71 5.01 45.64
C PHE A 378 19.14 6.16 44.71
N ILE A 379 18.23 7.05 44.30
CA ILE A 379 18.63 8.16 43.41
C ILE A 379 18.30 9.47 44.12
N GLU A 380 19.33 10.25 44.40
CA GLU A 380 19.20 11.48 45.23
C GLU A 380 18.65 12.58 44.30
N TYR A 381 19.38 12.84 43.21
CA TYR A 381 19.28 14.08 42.40
C TYR A 381 18.99 13.76 40.94
N VAL A 382 18.21 14.64 40.29
CA VAL A 382 18.03 14.71 38.81
C VAL A 382 18.63 16.01 38.27
N ILE A 383 19.52 15.92 37.29
CA ILE A 383 20.08 17.08 36.52
C ILE A 383 19.07 17.51 35.46
N VAL A 384 18.68 18.77 35.38
CA VAL A 384 17.77 19.24 34.28
C VAL A 384 17.88 20.76 34.13
N GLU A 385 17.83 21.27 32.90
CA GLU A 385 17.83 22.73 32.60
C GLU A 385 16.56 23.35 33.18
N ASP A 386 16.66 24.56 33.72
CA ASP A 386 15.55 25.26 34.41
C ASP A 386 14.31 25.34 33.52
N ASP A 387 14.45 25.67 32.23
CA ASP A 387 13.32 26.04 31.32
C ASP A 387 12.59 24.79 30.81
N TYR A 388 13.11 23.61 31.15
CA TYR A 388 12.58 22.28 30.76
C TYR A 388 11.62 21.76 31.84
N VAL A 389 11.53 22.40 33.01
CA VAL A 389 10.78 21.82 34.17
C VAL A 389 9.36 22.42 34.24
N GLY A 390 8.38 21.55 34.46
CA GLY A 390 6.95 21.93 34.53
C GLY A 390 6.53 21.99 35.96
N SER A 391 6.06 20.87 36.50
CA SER A 391 5.91 20.60 37.95
C SER A 391 7.18 19.91 38.47
N GLU A 392 7.58 20.28 39.69
CA GLU A 392 8.63 19.59 40.48
C GLU A 392 8.02 18.30 41.05
N SER A 393 6.68 18.19 41.03
CA SER A 393 5.89 17.09 41.66
C SER A 393 5.84 15.84 40.79
N CYS A 394 6.10 15.99 39.48
CA CYS A 394 6.27 14.92 38.46
C CYS A 394 7.46 13.99 38.81
N PHE A 395 8.33 14.41 39.73
CA PHE A 395 9.60 13.74 40.08
C PHE A 395 9.66 13.39 41.57
N SER A 396 9.97 12.11 41.89
CA SER A 396 10.08 11.53 43.25
C SER A 396 11.37 12.01 43.92
N GLU A 397 12.37 12.38 43.12
CA GLU A 397 13.75 12.80 43.50
C GLU A 397 13.82 14.33 43.60
N THR A 398 14.91 14.85 44.17
CA THR A 398 15.19 16.31 44.22
C THR A 398 15.73 16.75 42.85
N LEU A 399 15.19 17.86 42.32
CA LEU A 399 15.65 18.44 41.04
C LEU A 399 16.86 19.35 41.30
N LEU A 400 17.92 19.19 40.53
CA LEU A 400 18.99 20.21 40.39
C LEU A 400 18.73 21.04 39.13
N ARG A 401 17.96 22.14 39.28
CA ARG A 401 17.58 23.07 38.19
C ARG A 401 18.80 23.92 37.82
N LEU A 402 19.51 23.53 36.76
CA LEU A 402 20.68 24.22 36.18
C LEU A 402 20.19 25.30 35.24
N PRO A 403 20.94 26.43 35.07
CA PRO A 403 20.51 27.54 34.22
C PRO A 403 20.30 27.13 32.74
N LYS A 404 19.34 27.79 32.06
CA LYS A 404 18.90 27.52 30.66
C LYS A 404 20.05 26.97 29.78
N ASP A 405 21.28 27.46 29.93
CA ASP A 405 22.41 27.22 28.98
C ASP A 405 23.42 26.21 29.56
N ALA A 406 23.03 25.41 30.57
CA ALA A 406 23.94 24.49 31.30
C ALA A 406 24.32 23.27 30.46
N LEU A 407 23.47 22.87 29.50
CA LEU A 407 23.75 21.74 28.60
C LEU A 407 23.66 22.26 27.18
N PRO A 408 24.75 22.85 26.67
CA PRO A 408 24.84 23.14 25.25
C PRO A 408 24.88 21.83 24.44
N TYR A 409 23.97 21.74 23.47
CA TYR A 409 23.83 20.59 22.54
C TYR A 409 25.01 20.59 21.58
N VAL A 410 25.08 19.54 20.77
CA VAL A 410 26.18 19.26 19.83
C VAL A 410 25.52 18.72 18.57
N PRO A 411 26.05 19.06 17.37
CA PRO A 411 25.56 18.45 16.14
C PRO A 411 25.87 16.94 16.16
N SER A 412 25.02 16.13 15.52
CA SER A 412 25.33 14.73 15.13
C SER A 412 26.64 14.73 14.32
N SER A 413 27.44 13.67 14.44
CA SER A 413 28.60 13.39 13.56
C SER A 413 28.11 13.35 12.09
N LEU A 414 26.90 12.84 11.82
CA LEU A 414 26.33 12.68 10.45
C LEU A 414 25.67 13.98 9.95
N ALA A 415 25.59 15.05 10.75
CA ALA A 415 24.93 16.32 10.32
C ALA A 415 25.61 16.82 9.05
N PRO A 416 24.85 17.39 8.09
CA PRO A 416 25.44 18.13 6.98
C PRO A 416 25.80 19.54 7.46
N THR A 417 26.49 20.30 6.61
CA THR A 417 26.86 21.72 6.85
C THR A 417 26.29 22.56 5.68
N ASP A 418 26.66 22.27 4.42
CA ASP A 418 25.99 22.92 3.26
C ASP A 418 24.56 22.39 3.22
N VAL A 419 23.63 23.18 3.74
CA VAL A 419 22.16 22.93 3.70
C VAL A 419 21.50 24.12 2.97
N GLN A 420 21.03 23.87 1.75
CA GLN A 420 20.14 24.77 0.99
C GLN A 420 18.81 24.92 1.74
N TYR A 421 18.51 26.07 2.35
CA TYR A 421 17.14 26.39 2.82
C TYR A 421 16.19 26.52 1.62
N VAL A 422 14.96 26.04 1.77
CA VAL A 422 13.88 26.19 0.75
C VAL A 422 12.70 26.81 1.48
N LEU A 423 12.26 27.99 1.05
CA LEU A 423 11.04 28.66 1.58
C LEU A 423 10.04 28.82 0.46
N ARG A 424 9.22 27.81 0.20
CA ARG A 424 8.16 27.85 -0.85
C ARG A 424 7.20 29.01 -0.56
N GLU A 425 6.99 29.88 -1.53
CA GLU A 425 6.35 31.19 -1.31
C GLU A 425 4.86 30.95 -1.06
N THR A 426 4.09 30.48 -2.05
CA THR A 426 2.71 30.00 -1.82
C THR A 426 2.62 28.60 -2.37
N PRO A 427 2.74 27.57 -1.53
CA PRO A 427 2.63 26.20 -1.99
C PRO A 427 1.13 25.88 -2.10
N GLU A 428 0.76 25.07 -3.09
CA GLU A 428 -0.62 24.60 -3.35
C GLU A 428 -1.07 23.69 -2.21
N VAL A 429 -0.09 22.97 -1.64
CA VAL A 429 -0.23 21.92 -0.58
C VAL A 429 0.84 22.26 0.46
N VAL A 430 0.46 22.45 1.72
CA VAL A 430 1.42 22.64 2.82
C VAL A 430 1.90 21.28 3.36
N ASN A 431 3.12 20.87 3.03
CA ASN A 431 3.69 19.59 3.51
C ASN A 431 4.05 19.76 5.00
N ILE A 432 3.51 18.91 5.88
CA ILE A 432 3.67 18.99 7.35
C ILE A 432 4.48 17.78 7.86
N GLY A 433 5.66 18.02 8.41
CA GLY A 433 6.55 16.95 8.85
C GLY A 433 6.30 16.58 10.29
N ILE A 434 6.32 15.28 10.59
CA ILE A 434 6.29 14.76 11.97
C ILE A 434 7.52 13.89 12.14
N ALA A 435 8.46 14.36 12.94
CA ALA A 435 9.72 13.66 13.28
C ALA A 435 9.47 12.97 14.62
N ALA A 436 9.08 11.70 14.56
CA ALA A 436 8.70 11.03 15.82
C ALA A 436 9.03 9.54 15.79
N THR A 437 9.19 8.96 16.97
CA THR A 437 9.42 7.51 17.07
C THR A 437 8.06 6.84 17.22
N THR A 438 7.95 5.58 16.81
CA THR A 438 6.66 4.86 16.89
C THR A 438 6.10 4.98 18.30
N MET A 439 6.97 5.17 19.28
CA MET A 439 6.54 5.23 20.70
C MET A 439 5.61 6.42 20.89
N LYS A 440 5.81 7.52 20.16
CA LYS A 440 5.16 8.82 20.46
C LYS A 440 3.81 8.95 19.72
N LEU A 441 3.51 8.01 18.82
CA LEU A 441 2.23 8.03 18.09
C LEU A 441 1.13 7.48 19.00
N ASN A 442 -0.07 8.03 18.91
CA ASN A 442 -1.20 7.55 19.74
C ASN A 442 -2.49 8.04 19.11
N PRO A 443 -3.66 7.51 19.52
CA PRO A 443 -4.90 7.95 18.96
C PRO A 443 -5.15 9.45 19.16
N TYR A 444 -4.66 10.08 20.25
CA TYR A 444 -4.97 11.49 20.56
C TYR A 444 -4.27 12.37 19.52
N PHE A 445 -3.00 12.07 19.28
CA PHE A 445 -2.19 12.80 18.29
C PHE A 445 -2.78 12.65 16.87
N LEU A 446 -3.29 11.47 16.52
CA LEU A 446 -3.80 11.23 15.15
C LEU A 446 -5.24 11.79 15.01
N GLU A 447 -6.14 11.67 16.00
CA GLU A 447 -7.44 12.40 16.01
C GLU A 447 -7.13 13.86 15.69
N THR A 448 -6.11 14.39 16.35
CA THR A 448 -5.78 15.83 16.29
C THR A 448 -5.35 16.19 14.87
N LEU A 449 -4.35 15.50 14.29
CA LEU A 449 -3.95 15.72 12.88
C LEU A 449 -5.15 15.52 11.96
N LYS A 450 -6.06 14.61 12.29
CA LYS A 450 -7.23 14.37 11.41
C LYS A 450 -8.08 15.65 11.41
N THR A 451 -8.34 16.20 12.59
CA THR A 451 -9.21 17.37 12.79
C THR A 451 -8.58 18.60 12.12
N ILE A 452 -7.24 18.70 12.19
CA ILE A 452 -6.47 19.79 11.56
C ILE A 452 -6.69 19.72 10.05
N ARG A 453 -6.62 18.54 9.45
CA ARG A 453 -6.76 18.39 7.98
C ARG A 453 -8.20 18.77 7.56
N ASP A 454 -9.17 18.52 8.43
CA ASP A 454 -10.62 18.65 8.13
C ASP A 454 -11.02 20.14 8.18
N ARG A 455 -10.40 20.94 9.06
CA ARG A 455 -10.72 22.36 9.27
C ARG A 455 -9.79 23.27 8.45
N ALA A 456 -8.55 22.88 8.23
CA ALA A 456 -7.60 23.75 7.49
C ALA A 456 -8.27 24.24 6.20
N LYS A 457 -8.24 25.55 5.94
CA LYS A 457 -8.76 26.16 4.67
C LYS A 457 -7.82 25.82 3.50
N VAL A 458 -6.65 25.21 3.75
CA VAL A 458 -5.62 24.88 2.73
C VAL A 458 -5.41 23.36 2.72
N LYS A 459 -5.05 22.80 1.57
CA LYS A 459 -4.68 21.37 1.45
C LYS A 459 -3.38 21.14 2.23
N VAL A 460 -3.38 20.11 3.07
CA VAL A 460 -2.21 19.68 3.88
C VAL A 460 -1.87 18.24 3.50
N HIS A 461 -0.59 17.90 3.49
CA HIS A 461 -0.12 16.50 3.37
C HIS A 461 0.88 16.23 4.51
N PHE A 462 0.64 15.21 5.34
CA PHE A 462 1.53 14.85 6.46
C PHE A 462 2.59 13.84 6.00
N HIS A 463 3.84 14.05 6.40
CA HIS A 463 5.00 13.21 6.07
C HIS A 463 5.57 12.77 7.41
N PHE A 464 5.39 11.49 7.79
CA PHE A 464 5.88 10.93 9.08
C PHE A 464 7.24 10.30 8.86
N ALA A 465 8.27 10.89 9.42
CA ALA A 465 9.62 10.28 9.45
C ALA A 465 9.71 9.45 10.73
N LEU A 466 9.55 8.13 10.64
CA LEU A 466 9.18 7.23 11.78
C LEU A 466 10.38 6.41 12.26
N GLY A 467 11.12 6.92 13.23
CA GLY A 467 12.11 6.12 13.97
C GLY A 467 11.48 4.85 14.50
N GLN A 468 12.25 3.74 14.50
CA GLN A 468 11.82 2.40 14.95
C GLN A 468 10.73 1.79 14.04
N SER A 469 10.35 2.41 12.92
CA SER A 469 9.44 1.75 11.95
C SER A 469 10.31 1.01 10.93
N ILE A 470 10.67 -0.23 11.28
CA ILE A 470 11.66 -1.07 10.58
C ILE A 470 10.98 -2.39 10.17
N GLY A 471 11.31 -2.92 9.00
CA GLY A 471 10.86 -4.26 8.59
C GLY A 471 9.37 -4.47 8.83
N ILE A 472 9.03 -5.54 9.55
CA ILE A 472 7.62 -5.98 9.74
C ILE A 472 6.83 -4.97 10.61
N THR A 473 7.43 -3.92 11.13
CA THR A 473 6.65 -2.90 11.88
C THR A 473 5.85 -2.04 10.90
N HIS A 474 6.40 -1.77 9.71
CA HIS A 474 5.96 -0.63 8.88
C HIS A 474 4.53 -0.80 8.33
N PRO A 475 4.14 -1.95 7.75
CA PRO A 475 2.78 -2.07 7.25
C PRO A 475 1.72 -1.65 8.28
N TYR A 476 1.90 -2.16 9.49
CA TYR A 476 0.98 -1.93 10.64
C TYR A 476 0.91 -0.43 10.92
N VAL A 477 2.05 0.22 11.03
CA VAL A 477 2.11 1.68 11.29
C VAL A 477 1.45 2.43 10.15
N ALA A 478 1.65 2.00 8.91
CA ALA A 478 1.17 2.71 7.69
C ALA A 478 -0.35 2.73 7.69
N ARG A 479 -0.98 1.61 8.06
CA ARG A 479 -2.43 1.44 8.04
C ARG A 479 -3.04 2.22 9.21
N PHE A 480 -2.37 2.22 10.35
CA PHE A 480 -2.79 3.04 11.51
C PHE A 480 -2.94 4.48 11.02
N ILE A 481 -1.89 5.00 10.39
CA ILE A 481 -1.91 6.39 9.89
C ILE A 481 -3.02 6.57 8.86
N ARG A 482 -3.11 5.68 7.87
CA ARG A 482 -4.08 5.77 6.76
C ARG A 482 -5.50 5.77 7.34
N SER A 483 -5.74 5.03 8.43
CA SER A 483 -7.08 4.89 9.06
C SER A 483 -7.53 6.27 9.56
N TYR A 484 -6.62 7.18 9.87
CA TYR A 484 -6.98 8.57 10.29
C TYR A 484 -6.92 9.53 9.10
N LEU A 485 -5.95 9.41 8.20
CA LEU A 485 -5.61 10.50 7.26
C LEU A 485 -5.67 10.05 5.80
N GLY A 486 -6.12 8.83 5.49
CA GLY A 486 -6.33 8.37 4.10
C GLY A 486 -5.15 8.71 3.23
N ASP A 487 -5.40 9.40 2.12
CA ASP A 487 -4.34 9.73 1.12
C ASP A 487 -3.59 11.01 1.49
N ASP A 488 -3.92 11.63 2.62
CA ASP A 488 -3.31 12.92 3.02
C ASP A 488 -2.11 12.69 3.91
N ALA A 489 -1.53 11.48 3.92
CA ALA A 489 -0.34 11.17 4.76
C ALA A 489 0.53 10.09 4.10
N THR A 490 1.80 10.11 4.41
CA THR A 490 2.82 9.19 3.90
C THR A 490 3.62 8.74 5.11
N ALA A 491 3.82 7.43 5.27
CA ALA A 491 4.58 6.88 6.40
C ALA A 491 5.93 6.40 5.86
N HIS A 492 6.98 7.18 6.10
CA HIS A 492 8.37 6.88 5.67
C HIS A 492 8.97 5.95 6.73
N PRO A 493 9.46 4.77 6.33
CA PRO A 493 10.20 3.93 7.27
C PRO A 493 11.44 4.61 7.87
N HIS A 494 11.91 4.08 8.98
CA HIS A 494 13.23 4.40 9.55
C HIS A 494 14.21 4.46 8.38
N SER A 495 14.96 5.54 8.26
CA SER A 495 15.92 5.81 7.16
C SER A 495 17.24 6.22 7.79
N PRO A 496 18.38 6.12 7.06
CA PRO A 496 19.62 6.72 7.53
C PRO A 496 19.49 8.25 7.62
N TYR A 497 20.22 8.88 8.54
CA TYR A 497 20.07 10.31 8.94
C TYR A 497 19.99 11.24 7.72
N ASN A 498 20.86 11.08 6.74
CA ASN A 498 20.88 11.99 5.56
C ASN A 498 19.49 11.90 4.91
N ARG A 499 18.95 10.69 4.78
CA ARG A 499 17.66 10.43 4.08
C ARG A 499 16.50 10.98 4.92
N TYR A 500 16.56 10.81 6.23
CA TYR A 500 15.55 11.31 7.21
C TYR A 500 15.44 12.84 7.11
N LEU A 501 16.56 13.56 6.91
CA LEU A 501 16.54 15.04 6.70
C LEU A 501 15.93 15.39 5.35
N ASP A 502 16.24 14.65 4.29
CA ASP A 502 15.61 14.82 2.95
C ASP A 502 14.08 14.79 3.07
N ILE A 503 13.53 13.88 3.87
CA ILE A 503 12.05 13.76 4.07
C ILE A 503 11.51 15.04 4.75
N LEU A 504 12.20 15.57 5.75
CA LEU A 504 11.75 16.76 6.49
C LEU A 504 12.02 17.99 5.60
N HIS A 505 13.15 17.97 4.88
CA HIS A 505 13.63 19.11 4.05
C HIS A 505 12.57 19.42 3.02
N ASN A 506 11.74 18.42 2.71
CA ASN A 506 10.64 18.52 1.73
C ASN A 506 9.43 19.24 2.32
N CYS A 507 9.45 19.54 3.61
CA CYS A 507 8.27 20.07 4.33
C CYS A 507 8.30 21.59 4.45
N ASP A 508 7.13 22.16 4.69
CA ASP A 508 6.88 23.61 4.85
C ASP A 508 6.81 24.00 6.32
N MET A 509 6.40 23.07 7.18
CA MET A 509 6.37 23.26 8.66
C MET A 509 6.46 21.89 9.31
N MET A 510 6.37 21.83 10.63
CA MET A 510 6.41 20.57 11.39
C MET A 510 5.47 20.63 12.59
N LEU A 511 4.97 19.48 13.05
CA LEU A 511 4.15 19.37 14.28
C LEU A 511 4.88 18.42 15.25
N ASN A 512 5.01 18.86 16.48
CA ASN A 512 5.64 18.01 17.51
C ASN A 512 4.51 17.20 18.09
N PRO A 513 4.77 15.90 18.29
CA PRO A 513 3.79 14.98 18.84
C PRO A 513 3.58 15.22 20.33
N PHE A 514 2.61 14.51 20.92
CA PHE A 514 2.27 14.54 22.36
C PHE A 514 1.51 13.28 22.76
N PRO A 515 1.51 12.89 24.05
CA PRO A 515 2.00 13.73 25.16
C PRO A 515 3.52 13.96 25.23
N PHE A 516 4.28 13.01 24.71
CA PHE A 516 5.77 12.98 24.81
C PHE A 516 6.32 13.68 23.56
N GLY A 517 6.99 14.83 23.69
CA GLY A 517 7.48 15.61 22.55
C GLY A 517 8.91 15.27 22.12
N ASN A 518 9.44 16.12 21.23
CA ASN A 518 10.79 16.02 20.58
C ASN A 518 11.83 16.86 21.35
N THR A 519 13.10 16.64 20.99
CA THR A 519 14.31 17.32 21.51
C THR A 519 15.30 17.39 20.33
N ASN A 520 16.03 16.30 20.07
CA ASN A 520 16.88 16.11 18.88
C ASN A 520 16.03 16.37 17.65
N GLY A 521 14.74 16.01 17.66
CA GLY A 521 13.80 16.28 16.56
C GLY A 521 13.64 17.77 16.28
N ILE A 522 13.88 18.62 17.27
CA ILE A 522 13.72 20.09 17.15
C ILE A 522 14.99 20.67 16.58
N ILE A 523 16.16 20.19 17.03
CA ILE A 523 17.50 20.47 16.40
C ILE A 523 17.40 20.12 14.89
N ASP A 524 16.79 18.98 14.55
CA ASP A 524 16.61 18.56 13.14
C ASP A 524 15.76 19.60 12.42
N MET A 525 14.68 20.08 13.06
CA MET A 525 13.79 21.13 12.50
C MET A 525 14.61 22.39 12.18
N VAL A 526 15.30 22.98 13.15
CA VAL A 526 16.01 24.28 12.94
C VAL A 526 17.25 24.04 12.06
N THR A 527 17.81 22.83 12.02
CA THR A 527 18.92 22.50 11.10
C THR A 527 18.44 22.80 9.67
N LEU A 528 17.16 22.58 9.39
CA LEU A 528 16.58 22.77 8.03
C LEU A 528 15.91 24.14 7.91
N GLY A 529 16.07 25.01 8.90
CA GLY A 529 15.36 26.30 8.96
C GLY A 529 13.85 26.13 9.00
N LEU A 530 13.33 25.15 9.73
CA LEU A 530 11.86 24.91 9.77
C LEU A 530 11.33 25.40 11.11
N VAL A 531 10.05 25.72 11.12
CA VAL A 531 9.31 26.21 12.32
C VAL A 531 8.18 25.21 12.51
N GLY A 532 7.54 25.20 13.67
CA GLY A 532 6.40 24.28 13.91
C GLY A 532 5.72 24.51 15.25
N VAL A 533 4.61 23.86 15.47
CA VAL A 533 3.79 24.01 16.70
C VAL A 533 4.13 22.82 17.59
N CYS A 534 3.89 22.99 18.89
CA CYS A 534 4.15 21.98 19.92
C CYS A 534 3.15 22.17 21.05
N LYS A 535 3.00 21.17 21.92
CA LYS A 535 2.15 21.24 23.13
C LYS A 535 3.07 21.26 24.35
N THR A 536 2.57 21.79 25.44
CA THR A 536 3.31 21.89 26.72
C THR A 536 2.43 21.25 27.79
N GLY A 537 3.06 20.86 28.90
CA GLY A 537 2.41 20.19 30.05
C GLY A 537 3.35 20.08 31.25
N PRO A 538 2.85 19.56 32.38
CA PRO A 538 3.66 19.35 33.59
C PRO A 538 4.93 18.48 33.48
N GLU A 539 4.92 17.40 32.72
CA GLU A 539 6.09 16.47 32.64
C GLU A 539 7.19 17.20 31.85
N VAL A 540 8.48 16.90 32.08
CA VAL A 540 9.62 17.46 31.29
C VAL A 540 9.45 17.07 29.82
N HIS A 541 9.02 15.84 29.56
CA HIS A 541 8.86 15.30 28.20
C HIS A 541 7.71 16.03 27.49
N GLU A 542 6.91 16.86 28.20
CA GLU A 542 5.91 17.79 27.58
C GLU A 542 6.48 19.21 27.44
N HIS A 543 7.44 19.59 28.26
CA HIS A 543 7.84 21.01 28.44
C HIS A 543 9.10 21.32 27.63
N ILE A 544 9.92 20.32 27.27
CA ILE A 544 11.20 20.57 26.55
C ILE A 544 10.90 21.40 25.29
N ASP A 545 9.81 21.07 24.62
CA ASP A 545 9.33 21.74 23.39
C ASP A 545 9.19 23.25 23.68
N GLU A 546 8.34 23.62 24.66
CA GLU A 546 8.14 25.00 25.19
C GLU A 546 9.50 25.65 25.46
N GLY A 547 10.38 24.96 26.18
CA GLY A 547 11.73 25.45 26.53
C GLY A 547 12.53 25.84 25.30
N LEU A 548 12.70 24.91 24.34
CA LEU A 548 13.60 25.09 23.19
C LEU A 548 13.11 26.18 22.23
N PHE A 549 11.79 26.30 22.05
CA PHE A 549 11.14 27.35 21.21
C PHE A 549 11.47 28.74 21.79
N LYS A 550 11.37 28.87 23.12
CA LYS A 550 11.73 30.13 23.83
C LYS A 550 13.23 30.41 23.66
N ARG A 551 14.10 29.40 23.75
CA ARG A 551 15.56 29.54 23.49
C ARG A 551 15.80 29.98 22.04
N LEU A 552 14.78 30.13 21.19
CA LEU A 552 14.99 30.48 19.75
C LEU A 552 14.37 31.83 19.39
N GLY A 553 13.90 32.59 20.38
CA GLY A 553 13.18 33.87 20.19
C GLY A 553 11.85 33.68 19.49
N LEU A 554 11.34 32.45 19.45
CA LEU A 554 10.05 32.08 18.79
C LEU A 554 8.90 32.52 19.68
N PRO A 555 7.74 32.86 19.09
CA PRO A 555 6.58 33.32 19.86
C PRO A 555 5.83 32.27 20.69
N GLU A 556 5.14 32.76 21.72
CA GLU A 556 4.30 31.98 22.66
C GLU A 556 3.16 31.29 21.92
N TRP A 557 2.60 31.88 20.86
CA TRP A 557 1.41 31.30 20.16
C TRP A 557 1.76 29.96 19.46
N LEU A 558 3.03 29.71 19.14
CA LEU A 558 3.49 28.40 18.60
C LEU A 558 3.40 27.32 19.68
N ILE A 559 3.19 27.68 20.94
CA ILE A 559 3.11 26.71 22.08
C ILE A 559 1.67 26.63 22.60
N ALA A 560 1.06 25.45 22.58
CA ALA A 560 -0.37 25.19 22.93
C ALA A 560 -0.47 24.69 24.37
N ASP A 561 -1.55 24.98 25.08
CA ASP A 561 -1.81 24.44 26.43
C ASP A 561 -2.69 23.19 26.28
N SER A 562 -3.81 23.31 25.56
CA SER A 562 -4.80 22.22 25.35
C SER A 562 -4.67 21.66 23.92
N VAL A 563 -5.43 20.61 23.63
CA VAL A 563 -5.41 19.97 22.29
C VAL A 563 -6.09 20.95 21.34
N GLU A 564 -7.22 21.53 21.75
CA GLU A 564 -7.98 22.50 20.93
C GLU A 564 -7.09 23.71 20.57
N ASP A 565 -6.32 24.21 21.54
CA ASP A 565 -5.30 25.26 21.29
C ASP A 565 -4.36 24.78 20.19
N TYR A 566 -3.79 23.59 20.34
CA TYR A 566 -2.85 22.99 19.35
C TYR A 566 -3.46 23.06 17.95
N ILE A 567 -4.73 22.72 17.84
CA ILE A 567 -5.42 22.59 16.52
C ILE A 567 -5.48 23.96 15.85
N GLU A 568 -5.86 25.01 16.61
CA GLU A 568 -5.96 26.41 16.10
C GLU A 568 -4.58 26.86 15.59
N ARG A 569 -3.51 26.61 16.36
CA ARG A 569 -2.15 27.13 16.04
C ARG A 569 -1.61 26.39 14.82
N ALA A 570 -1.80 25.07 14.78
CA ALA A 570 -1.38 24.19 13.67
C ALA A 570 -2.00 24.70 12.37
N ILE A 571 -3.29 25.03 12.42
CA ILE A 571 -4.06 25.59 11.27
C ILE A 571 -3.48 26.97 10.94
N ARG A 572 -3.34 27.82 11.97
CA ARG A 572 -2.85 29.19 11.76
C ARG A 572 -1.56 29.13 10.96
N LEU A 573 -0.63 28.27 11.37
CA LEU A 573 0.75 28.21 10.81
C LEU A 573 0.72 27.67 9.38
N ALA A 574 -0.25 26.80 9.10
CA ALA A 574 -0.45 26.15 7.79
C ALA A 574 -1.14 27.12 6.83
N GLU A 575 -2.12 27.91 7.29
CA GLU A 575 -2.90 28.84 6.42
C GLU A 575 -2.09 30.11 6.07
N ASN A 576 -1.41 30.71 7.05
CA ASN A 576 -0.75 32.03 6.94
C ASN A 576 0.68 31.82 6.40
N HIS A 577 0.76 31.66 5.09
CA HIS A 577 2.01 31.40 4.33
C HIS A 577 3.02 32.50 4.67
N GLN A 578 2.56 33.76 4.74
CA GLN A 578 3.43 34.97 4.88
C GLN A 578 4.01 34.94 6.33
N GLU A 579 3.18 34.60 7.33
CA GLU A 579 3.58 34.58 8.76
C GLU A 579 4.62 33.50 9.05
N ARG A 580 4.40 32.28 8.56
CA ARG A 580 5.32 31.12 8.75
C ARG A 580 6.67 31.43 8.09
N LEU A 581 6.64 32.06 6.91
CA LEU A 581 7.87 32.44 6.17
C LEU A 581 8.64 33.46 7.00
N ALA A 582 7.93 34.40 7.63
CA ALA A 582 8.53 35.38 8.56
C ALA A 582 9.33 34.64 9.63
N LEU A 583 8.65 33.72 10.34
CA LEU A 583 9.21 32.94 11.49
C LEU A 583 10.42 32.14 11.02
N ARG A 584 10.41 31.70 9.77
CA ARG A 584 11.49 30.85 9.23
C ARG A 584 12.69 31.75 8.95
N ARG A 585 12.44 32.95 8.42
CA ARG A 585 13.48 33.97 8.14
C ARG A 585 14.13 34.43 9.45
N HIS A 586 13.36 34.51 10.54
CA HIS A 586 13.87 34.82 11.90
C HIS A 586 14.93 33.78 12.30
N ILE A 587 14.53 32.49 12.38
CA ILE A 587 15.38 31.34 12.81
C ILE A 587 16.63 31.26 11.93
N ILE A 588 16.47 31.43 10.63
CA ILE A 588 17.62 31.42 9.67
C ILE A 588 18.50 32.66 9.92
N GLU A 589 17.97 33.89 9.78
CA GLU A 589 18.78 35.14 9.82
C GLU A 589 19.50 35.28 11.17
N ASN A 590 18.95 34.80 12.29
CA ASN A 590 19.53 34.93 13.66
C ASN A 590 20.28 33.66 14.08
N ASN A 591 20.83 32.92 13.11
CA ASN A 591 21.52 31.63 13.34
C ASN A 591 20.97 30.93 14.61
N GLY A 592 19.71 30.44 14.62
CA GLY A 592 19.04 29.78 15.77
C GLY A 592 19.71 28.46 16.14
N LEU A 593 20.14 27.69 15.15
CA LEU A 593 20.89 26.42 15.36
C LEU A 593 22.14 26.69 16.22
N LYS A 594 22.89 27.76 15.91
CA LYS A 594 24.18 28.07 16.58
C LYS A 594 23.91 28.36 18.07
N THR A 595 22.72 28.85 18.44
CA THR A 595 22.39 29.24 19.85
C THR A 595 22.09 28.00 20.69
N LEU A 596 21.57 26.92 20.10
CA LEU A 596 21.33 25.63 20.80
C LEU A 596 22.67 24.94 21.05
N PHE A 597 23.68 25.17 20.20
CA PHE A 597 25.02 24.52 20.31
C PHE A 597 25.91 25.27 21.30
N SER A 598 25.44 26.39 21.88
CA SER A 598 26.22 27.36 22.70
C SER A 598 25.74 27.39 24.15
N GLY A 599 26.66 27.70 25.07
CA GLY A 599 26.33 27.94 26.49
C GLY A 599 27.50 27.65 27.40
N ASP A 600 27.24 27.69 28.71
CA ASP A 600 28.19 27.41 29.83
C ASP A 600 28.00 25.97 30.33
N PRO A 601 28.89 25.01 29.95
CA PRO A 601 28.75 23.62 30.34
C PRO A 601 29.09 23.30 31.81
N SER A 602 29.81 24.21 32.48
CA SER A 602 30.45 24.03 33.82
C SER A 602 29.45 23.76 34.95
N PRO A 603 28.25 24.39 34.98
CA PRO A 603 27.35 24.26 36.14
C PRO A 603 27.01 22.84 36.65
N MET A 604 27.16 21.78 35.85
CA MET A 604 26.88 20.40 36.33
C MET A 604 27.99 19.96 37.30
N GLY A 605 29.26 20.10 36.89
CA GLY A 605 30.45 19.77 37.69
C GLY A 605 30.53 20.55 39.00
N LYS A 606 30.15 21.83 39.00
CA LYS A 606 30.20 22.70 40.21
C LYS A 606 29.08 22.29 41.18
N THR A 607 27.85 22.12 40.67
CA THR A 607 26.65 21.82 41.50
C THR A 607 26.85 20.45 42.15
N LEU A 608 27.61 19.55 41.53
CA LEU A 608 27.79 18.17 42.07
C LEU A 608 29.01 18.09 43.00
N PHE A 609 30.03 18.93 42.78
CA PHE A 609 31.14 19.15 43.73
C PHE A 609 30.56 19.77 45.00
N ALA A 610 29.71 20.79 44.86
CA ALA A 610 29.01 21.52 45.95
C ALA A 610 28.29 20.55 46.88
N LYS A 611 27.57 19.58 46.30
CA LYS A 611 26.75 18.59 47.04
C LYS A 611 27.66 17.59 47.75
N LEU A 612 28.82 17.24 47.17
CA LEU A 612 29.77 16.29 47.81
C LEU A 612 30.37 16.94 49.08
N THR A 613 30.93 18.15 48.96
CA THR A 613 31.35 19.04 50.06
C THR A 613 30.33 19.03 51.21
N GLU A 614 29.05 19.34 50.94
CA GLU A 614 27.96 19.39 51.97
C GLU A 614 27.81 18.01 52.63
N TRP A 615 27.94 16.95 51.84
CA TRP A 615 27.80 15.55 52.27
C TRP A 615 29.00 15.19 53.15
N ARG A 616 30.21 15.61 52.72
CA ARG A 616 31.53 15.37 53.38
C ARG A 616 31.62 16.09 54.75
N GLN A 617 31.16 17.35 54.83
CA GLN A 617 30.84 18.05 56.10
C GLN A 617 30.23 17.04 57.07
N THR A 618 29.14 16.36 56.69
CA THR A 618 28.26 15.54 57.58
C THR A 618 28.68 14.06 57.66
N ASN A 619 29.85 13.67 57.11
CA ASN A 619 30.26 12.25 56.80
C ASN A 619 29.01 11.35 56.76
N MET B 1 -32.80 -7.07 4.02
CA MET B 1 -33.73 -7.51 2.90
C MET B 1 -33.10 -7.27 1.53
N SER B 2 -33.08 -8.27 0.64
CA SER B 2 -32.42 -8.16 -0.68
C SER B 2 -33.07 -9.10 -1.71
N ARG B 3 -32.89 -8.74 -2.99
CA ARG B 3 -33.35 -9.50 -4.18
C ARG B 3 -33.10 -11.01 -4.00
N LYS B 4 -31.90 -11.38 -3.61
CA LYS B 4 -31.32 -12.74 -3.83
C LYS B 4 -30.32 -13.00 -2.70
N LYS B 5 -30.17 -14.23 -2.22
CA LYS B 5 -29.13 -14.53 -1.21
C LYS B 5 -27.77 -14.09 -1.74
N ASN B 6 -26.95 -13.45 -0.91
CA ASN B 6 -25.57 -13.10 -1.31
C ASN B 6 -24.73 -14.37 -1.33
N PRO B 7 -23.73 -14.40 -2.23
CA PRO B 7 -22.65 -15.37 -2.11
C PRO B 7 -21.97 -15.14 -0.75
N SER B 8 -21.65 -16.20 -0.02
CA SER B 8 -21.00 -16.10 1.30
C SER B 8 -19.64 -16.81 1.25
N VAL B 9 -18.55 -16.12 1.60
CA VAL B 9 -17.21 -16.73 1.85
C VAL B 9 -17.34 -17.77 2.97
N ILE B 10 -18.15 -17.50 4.00
CA ILE B 10 -18.35 -18.46 5.14
C ILE B 10 -19.00 -19.76 4.62
N GLN B 11 -20.07 -19.65 3.83
CA GLN B 11 -20.77 -20.81 3.18
C GLN B 11 -19.74 -21.64 2.42
N PHE B 12 -18.88 -20.96 1.67
CA PHE B 12 -17.76 -21.52 0.88
C PHE B 12 -16.82 -22.28 1.81
N GLU B 13 -16.44 -21.68 2.93
CA GLU B 13 -15.48 -22.26 3.89
C GLU B 13 -16.13 -23.50 4.53
N LYS B 14 -17.40 -23.43 4.94
CA LYS B 14 -18.14 -24.56 5.59
C LYS B 14 -18.14 -25.77 4.64
N ALA B 15 -18.43 -25.53 3.37
CA ALA B 15 -18.47 -26.58 2.33
C ALA B 15 -17.12 -27.29 2.22
N ILE B 16 -16.03 -26.54 2.25
CA ILE B 16 -14.67 -27.12 2.10
C ILE B 16 -14.33 -27.98 3.32
N THR B 17 -14.80 -27.59 4.51
CA THR B 17 -14.58 -28.28 5.81
C THR B 17 -15.29 -29.66 5.78
N GLU B 18 -16.56 -29.70 5.39
CA GLU B 18 -17.35 -30.95 5.23
C GLU B 18 -16.99 -31.70 3.94
N LYS B 19 -16.06 -31.21 3.13
CA LYS B 19 -15.64 -31.83 1.83
C LYS B 19 -16.87 -32.03 0.93
N ASN B 20 -17.79 -31.06 0.93
CA ASN B 20 -18.96 -31.01 0.03
C ASN B 20 -18.57 -30.18 -1.19
N TYR B 21 -17.73 -30.79 -2.01
CA TYR B 21 -17.08 -30.18 -3.19
C TYR B 21 -18.09 -29.51 -4.10
N GLU B 22 -19.31 -30.04 -4.20
CA GLU B 22 -20.29 -29.56 -5.19
C GLU B 22 -20.84 -28.21 -4.69
N ALA B 23 -21.18 -28.16 -3.40
CA ALA B 23 -21.61 -26.93 -2.72
C ALA B 23 -20.47 -25.91 -2.78
N ALA B 24 -19.22 -26.37 -2.58
CA ALA B 24 -18.03 -25.52 -2.50
C ALA B 24 -17.82 -24.81 -3.83
N CYS B 25 -17.73 -25.58 -4.93
CA CYS B 25 -17.63 -25.02 -6.30
C CYS B 25 -18.80 -24.11 -6.57
N THR B 26 -20.01 -24.51 -6.20
CA THR B 26 -21.20 -23.68 -6.46
C THR B 26 -20.98 -22.34 -5.76
N GLU B 27 -20.52 -22.35 -4.50
CA GLU B 27 -20.43 -21.06 -3.78
C GLU B 27 -19.34 -20.23 -4.45
N LEU B 28 -18.26 -20.88 -4.87
CA LEU B 28 -17.14 -20.16 -5.52
C LEU B 28 -17.61 -19.55 -6.83
N LEU B 29 -18.33 -20.30 -7.66
CA LEU B 29 -18.82 -19.78 -8.97
C LEU B 29 -19.77 -18.64 -8.67
N ASP B 30 -20.59 -18.76 -7.62
CA ASP B 30 -21.57 -17.72 -7.28
C ASP B 30 -20.81 -16.44 -6.92
N ILE B 31 -19.69 -16.57 -6.22
CA ILE B 31 -18.88 -15.40 -5.75
C ILE B 31 -18.17 -14.77 -6.96
N LEU B 32 -17.54 -15.59 -7.80
CA LEU B 32 -16.84 -15.04 -8.97
C LEU B 32 -17.86 -14.38 -9.89
N ASN B 33 -19.01 -15.03 -10.15
CA ASN B 33 -20.03 -14.50 -11.09
C ASN B 33 -20.49 -13.14 -10.57
N LYS B 34 -20.57 -12.96 -9.25
CA LYS B 34 -21.12 -11.69 -8.75
C LYS B 34 -20.07 -10.61 -8.95
N ILE B 35 -18.81 -10.92 -8.69
CA ILE B 35 -17.68 -9.97 -8.89
C ILE B 35 -17.66 -9.57 -10.37
N ASP B 36 -17.78 -10.56 -11.27
CA ASP B 36 -17.76 -10.33 -12.74
C ASP B 36 -18.89 -9.35 -13.11
N THR B 37 -20.08 -9.57 -12.60
CA THR B 37 -21.26 -8.69 -12.81
C THR B 37 -20.96 -7.27 -12.32
N ASN B 38 -20.18 -7.10 -11.25
CA ASN B 38 -19.92 -5.76 -10.66
C ASN B 38 -18.54 -5.25 -11.01
N PHE B 39 -17.90 -5.81 -12.03
CA PHE B 39 -16.63 -5.31 -12.61
C PHE B 39 -15.57 -5.24 -11.50
N GLY B 40 -15.59 -6.18 -10.57
CA GLY B 40 -14.55 -6.28 -9.53
C GLY B 40 -14.95 -5.71 -8.19
N ASP B 41 -16.06 -4.99 -8.05
CA ASP B 41 -16.50 -4.58 -6.70
C ASP B 41 -16.94 -5.84 -5.94
N ILE B 42 -16.73 -5.88 -4.62
CA ILE B 42 -17.11 -7.05 -3.77
C ILE B 42 -18.31 -6.70 -2.89
N GLU B 43 -19.04 -5.62 -3.22
CA GLU B 43 -20.40 -5.34 -2.72
C GLU B 43 -21.24 -6.61 -2.80
N GLY B 44 -21.95 -6.91 -1.73
CA GLY B 44 -22.98 -7.96 -1.69
C GLY B 44 -22.36 -9.33 -1.74
N ILE B 45 -21.13 -9.44 -1.26
CA ILE B 45 -20.49 -10.75 -0.92
C ILE B 45 -20.39 -10.78 0.61
N ASP B 46 -20.74 -11.91 1.20
CA ASP B 46 -20.88 -12.04 2.68
C ASP B 46 -19.59 -12.60 3.25
N PHE B 47 -19.03 -11.89 4.23
CA PHE B 47 -17.86 -12.33 5.01
C PHE B 47 -17.69 -11.44 6.23
N ASP B 48 -17.38 -12.04 7.38
CA ASP B 48 -16.97 -11.38 8.65
C ASP B 48 -15.55 -10.85 8.45
N TYR B 49 -15.16 -9.85 9.22
CA TYR B 49 -13.81 -9.27 9.18
C TYR B 49 -13.54 -8.52 10.48
N PRO B 50 -12.27 -8.38 10.91
CA PRO B 50 -11.97 -7.58 12.07
C PRO B 50 -12.40 -6.11 11.92
N GLN B 51 -12.98 -5.56 12.99
CA GLN B 51 -13.62 -4.22 12.99
C GLN B 51 -12.62 -3.12 12.57
N GLN B 52 -11.31 -3.30 12.80
CA GLN B 52 -10.28 -2.35 12.32
C GLN B 52 -10.44 -2.09 10.81
N LEU B 53 -11.10 -2.97 10.07
CA LEU B 53 -11.21 -2.85 8.58
C LEU B 53 -12.57 -2.27 8.16
N GLU B 54 -13.42 -1.86 9.11
CA GLU B 54 -14.80 -1.35 8.85
C GLU B 54 -14.71 -0.15 7.90
N THR B 55 -13.71 0.73 8.07
CA THR B 55 -13.66 2.06 7.40
C THR B 55 -12.46 2.12 6.44
N LEU B 56 -11.83 0.98 6.15
CA LEU B 56 -10.61 0.90 5.31
C LEU B 56 -10.84 0.03 4.08
N MET B 57 -11.38 0.56 2.98
CA MET B 57 -11.87 -0.27 1.86
C MET B 57 -10.72 -1.05 1.22
N GLN B 58 -9.61 -0.40 0.93
CA GLN B 58 -8.54 -1.08 0.16
C GLN B 58 -8.00 -2.28 0.98
N ASP B 59 -8.00 -2.17 2.31
CA ASP B 59 -7.44 -3.17 3.24
C ASP B 59 -8.48 -4.29 3.39
N ARG B 60 -9.76 -3.95 3.45
CA ARG B 60 -10.87 -4.94 3.45
C ARG B 60 -10.77 -5.79 2.17
N ILE B 61 -10.51 -5.16 1.01
CA ILE B 61 -10.48 -5.87 -0.30
C ILE B 61 -9.36 -6.92 -0.24
N VAL B 62 -8.19 -6.54 0.29
CA VAL B 62 -7.01 -7.45 0.41
C VAL B 62 -7.35 -8.56 1.41
N TYR B 63 -8.00 -8.25 2.52
CA TYR B 63 -8.44 -9.32 3.48
C TYR B 63 -9.32 -10.32 2.70
N PHE B 64 -10.37 -9.84 2.03
CA PHE B 64 -11.25 -10.68 1.18
C PHE B 64 -10.38 -11.54 0.24
N CYS B 65 -9.47 -10.95 -0.52
CA CYS B 65 -8.67 -11.73 -1.50
C CYS B 65 -7.83 -12.75 -0.76
N THR B 66 -7.33 -12.45 0.43
CA THR B 66 -6.46 -13.41 1.16
C THR B 66 -7.32 -14.59 1.65
N ARG B 67 -8.48 -14.29 2.18
CA ARG B 67 -9.33 -15.34 2.76
C ARG B 67 -9.86 -16.24 1.64
N MET B 68 -10.31 -15.65 0.53
CA MET B 68 -10.72 -16.42 -0.67
C MET B 68 -9.53 -17.28 -1.14
N SER B 69 -8.32 -16.67 -1.26
CA SER B 69 -7.10 -17.36 -1.71
C SER B 69 -6.85 -18.56 -0.79
N ASN B 70 -7.00 -18.39 0.52
CA ASN B 70 -6.79 -19.50 1.49
C ASN B 70 -7.84 -20.60 1.24
N ALA B 71 -9.10 -20.23 1.02
CA ALA B 71 -10.20 -21.21 0.83
C ALA B 71 -9.95 -22.02 -0.45
N ILE B 72 -9.68 -21.34 -1.58
CA ILE B 72 -9.44 -21.98 -2.91
C ILE B 72 -8.27 -22.95 -2.79
N THR B 73 -7.24 -22.59 -2.03
CA THR B 73 -6.08 -23.46 -1.73
C THR B 73 -6.54 -24.74 -1.02
N GLN B 74 -7.34 -24.66 0.04
CA GLN B 74 -7.75 -25.87 0.82
C GLN B 74 -8.54 -26.81 -0.12
N LEU B 75 -9.40 -26.26 -0.97
CA LEU B 75 -10.20 -27.01 -1.95
C LEU B 75 -9.34 -27.61 -3.07
N PHE B 76 -8.67 -26.82 -3.89
CA PHE B 76 -7.95 -27.31 -5.10
C PHE B 76 -6.74 -28.18 -4.72
N CYS B 77 -6.20 -28.08 -3.50
CA CYS B 77 -5.10 -29.01 -3.08
C CYS B 77 -5.63 -30.39 -2.70
N ASP B 78 -6.86 -30.48 -2.17
CA ASP B 78 -7.49 -31.78 -1.81
C ASP B 78 -7.45 -32.68 -3.04
N PRO B 79 -6.80 -33.87 -2.98
CA PRO B 79 -6.72 -34.77 -4.13
C PRO B 79 -8.07 -35.49 -4.33
N GLN B 80 -8.87 -35.60 -3.28
CA GLN B 80 -10.23 -36.19 -3.30
C GLN B 80 -11.17 -35.31 -4.14
N PHE B 81 -10.80 -34.06 -4.46
CA PHE B 81 -11.66 -33.11 -5.21
C PHE B 81 -11.43 -33.35 -6.70
N SER B 82 -12.45 -33.93 -7.35
CA SER B 82 -12.54 -34.14 -8.82
C SER B 82 -13.28 -32.96 -9.44
N LEU B 83 -12.78 -32.41 -10.53
CA LEU B 83 -13.43 -31.28 -11.25
C LEU B 83 -13.92 -31.76 -12.61
N SER B 84 -15.23 -31.68 -12.88
CA SER B 84 -15.82 -32.09 -14.19
C SER B 84 -15.35 -31.15 -15.31
N GLU B 85 -15.54 -31.56 -16.58
CA GLU B 85 -15.26 -30.73 -17.78
C GLU B 85 -16.11 -29.46 -17.71
N SER B 86 -17.38 -29.62 -17.38
CA SER B 86 -18.36 -28.52 -17.26
C SER B 86 -17.90 -27.55 -16.14
N GLY B 87 -17.49 -28.08 -14.99
CA GLY B 87 -16.94 -27.27 -13.88
C GLY B 87 -15.80 -26.43 -14.40
N ALA B 88 -14.83 -27.06 -15.08
CA ALA B 88 -13.65 -26.36 -15.57
C ALA B 88 -14.09 -25.31 -16.60
N ASN B 89 -15.09 -25.62 -17.42
CA ASN B 89 -15.52 -24.67 -18.48
C ASN B 89 -16.01 -23.41 -17.79
N ARG B 90 -16.74 -23.58 -16.68
CA ARG B 90 -17.41 -22.47 -15.97
C ARG B 90 -16.34 -21.62 -15.28
N PHE B 91 -15.29 -22.24 -14.71
CA PHE B 91 -14.14 -21.55 -14.05
C PHE B 91 -13.27 -20.82 -15.07
N PHE B 92 -13.04 -21.39 -16.25
CA PHE B 92 -12.25 -20.70 -17.31
C PHE B 92 -12.88 -19.37 -17.69
N VAL B 93 -14.21 -19.23 -17.60
CA VAL B 93 -14.93 -17.99 -17.99
C VAL B 93 -14.59 -16.89 -16.99
N VAL B 94 -14.30 -17.29 -15.75
CA VAL B 94 -14.10 -16.34 -14.62
C VAL B 94 -12.68 -16.47 -14.10
N GLN B 95 -11.76 -17.05 -14.87
CA GLN B 95 -10.34 -17.13 -14.44
C GLN B 95 -9.86 -15.70 -14.19
N ARG B 96 -10.30 -14.72 -14.98
CA ARG B 96 -9.80 -13.32 -14.85
C ARG B 96 -9.95 -12.85 -13.41
N TRP B 97 -11.06 -13.24 -12.79
CA TRP B 97 -11.35 -12.88 -11.38
C TRP B 97 -10.57 -13.76 -10.40
N LEU B 98 -10.45 -15.08 -10.63
CA LEU B 98 -9.51 -15.94 -9.88
C LEU B 98 -8.12 -15.30 -9.88
N ASN B 99 -7.65 -14.82 -11.02
CA ASN B 99 -6.30 -14.21 -11.14
C ASN B 99 -6.20 -13.08 -10.12
N LEU B 100 -7.24 -12.27 -10.01
CA LEU B 100 -7.25 -11.11 -9.09
C LEU B 100 -7.35 -11.54 -7.62
N ILE B 101 -8.11 -12.60 -7.31
CA ILE B 101 -8.19 -13.08 -5.90
C ILE B 101 -6.75 -13.29 -5.41
N PHE B 102 -5.89 -13.90 -6.23
CA PHE B 102 -4.50 -14.25 -5.84
C PHE B 102 -3.58 -13.06 -6.07
N ALA B 103 -3.69 -12.40 -7.22
CA ALA B 103 -2.84 -11.25 -7.59
C ALA B 103 -3.02 -10.06 -6.65
N SER B 104 -4.22 -9.76 -6.18
CA SER B 104 -4.46 -8.62 -5.23
C SER B 104 -4.29 -9.08 -3.78
N SER B 105 -4.09 -10.36 -3.52
CA SER B 105 -3.69 -10.90 -2.19
C SER B 105 -2.18 -10.77 -2.10
N PRO B 106 -1.57 -10.95 -0.91
CA PRO B 106 -0.12 -11.01 -0.79
C PRO B 106 0.54 -12.18 -1.50
N TYR B 107 -0.21 -13.14 -2.05
CA TYR B 107 0.40 -14.41 -2.53
C TYR B 107 0.83 -14.25 -3.98
N ILE B 108 0.33 -13.24 -4.67
CA ILE B 108 0.60 -12.94 -6.10
C ILE B 108 -0.05 -13.97 -7.03
N ASN B 109 0.07 -15.26 -6.77
CA ASN B 109 -0.50 -16.23 -7.76
C ASN B 109 -0.77 -17.56 -7.05
N ALA B 110 -1.08 -18.61 -7.82
CA ALA B 110 -1.59 -19.89 -7.26
C ALA B 110 -0.52 -20.95 -7.39
N ASP B 111 0.73 -20.51 -7.49
CA ASP B 111 1.79 -21.46 -7.87
C ASP B 111 1.97 -22.45 -6.71
N HIS B 112 1.69 -22.07 -5.48
CA HIS B 112 1.79 -23.02 -4.33
C HIS B 112 0.78 -24.17 -4.50
N ILE B 113 -0.42 -23.93 -5.07
CA ILE B 113 -1.39 -25.03 -5.39
C ILE B 113 -0.80 -25.92 -6.49
N LEU B 114 -0.40 -25.33 -7.61
CA LEU B 114 0.18 -26.08 -8.75
C LEU B 114 1.31 -27.01 -8.27
N GLN B 115 2.10 -26.61 -7.27
CA GLN B 115 3.29 -27.42 -6.83
C GLN B 115 2.80 -28.70 -6.14
N THR B 116 1.58 -28.71 -5.61
CA THR B 116 1.00 -29.90 -4.93
C THR B 116 0.67 -30.99 -5.96
N TYR B 117 0.54 -30.60 -7.22
CA TYR B 117 0.19 -31.51 -8.34
C TYR B 117 1.45 -32.09 -9.01
N ASN B 118 2.62 -31.88 -8.48
CA ASN B 118 3.82 -32.39 -9.17
C ASN B 118 4.11 -33.80 -8.63
N CYS B 119 4.36 -34.78 -9.48
CA CYS B 119 4.58 -36.19 -9.08
C CYS B 119 6.03 -36.63 -9.41
N ASN B 120 6.90 -35.72 -9.82
CA ASN B 120 8.28 -36.03 -10.29
C ASN B 120 9.30 -35.38 -9.36
N PRO B 121 9.83 -36.11 -8.37
CA PRO B 121 10.84 -35.53 -7.47
C PRO B 121 12.22 -35.35 -8.14
N GLU B 122 12.41 -35.83 -9.38
CA GLU B 122 13.73 -35.86 -10.07
C GLU B 122 13.77 -34.81 -11.18
N ARG B 123 13.18 -33.64 -10.95
CA ARG B 123 12.91 -32.66 -12.04
C ARG B 123 14.02 -31.62 -12.09
N ASP B 124 14.24 -31.05 -13.27
CA ASP B 124 15.30 -30.05 -13.57
C ASP B 124 15.08 -28.75 -12.77
N SER B 125 13.86 -28.21 -12.78
CA SER B 125 13.50 -26.86 -12.26
C SER B 125 12.32 -27.00 -11.30
N ILE B 126 12.19 -26.11 -10.32
CA ILE B 126 10.97 -26.00 -9.46
C ILE B 126 9.84 -25.39 -10.28
N TYR B 127 10.18 -24.80 -11.42
CA TYR B 127 9.21 -24.19 -12.36
C TYR B 127 8.58 -25.27 -13.28
N ASP B 128 9.04 -26.51 -13.27
CA ASP B 128 8.45 -27.58 -14.11
C ASP B 128 7.52 -28.40 -13.21
N ILE B 129 6.26 -28.52 -13.59
CA ILE B 129 5.24 -29.30 -12.86
C ILE B 129 4.94 -30.51 -13.75
N TYR B 130 5.22 -31.73 -13.29
CA TYR B 130 4.88 -32.99 -14.01
C TYR B 130 3.59 -33.56 -13.40
N LEU B 131 2.54 -33.73 -14.21
CA LEU B 131 1.17 -34.16 -13.80
C LEU B 131 0.99 -35.68 -13.99
N GLU B 132 0.45 -36.39 -13.00
CA GLU B 132 -0.14 -37.74 -13.19
C GLU B 132 -1.02 -37.70 -14.44
N PRO B 133 -1.06 -38.75 -15.29
CA PRO B 133 -1.67 -38.63 -16.62
C PRO B 133 -3.20 -38.62 -16.73
N ASN B 134 -3.92 -38.12 -15.71
CA ASN B 134 -5.41 -38.12 -15.69
C ASN B 134 -6.00 -36.74 -15.94
N LYS B 135 -7.20 -36.71 -16.49
CA LYS B 135 -7.90 -35.52 -17.00
C LYS B 135 -8.18 -34.59 -15.82
N ASN B 136 -8.61 -35.17 -14.68
CA ASN B 136 -8.97 -34.38 -13.48
C ASN B 136 -7.87 -33.37 -13.18
N VAL B 137 -6.63 -33.83 -12.98
CA VAL B 137 -5.57 -32.96 -12.42
C VAL B 137 -5.20 -31.94 -13.49
N LEU B 138 -5.22 -32.33 -14.77
CA LEU B 138 -4.84 -31.41 -15.85
C LEU B 138 -5.78 -30.20 -15.82
N MET B 139 -7.07 -30.41 -15.57
CA MET B 139 -8.06 -29.30 -15.59
C MET B 139 -7.85 -28.40 -14.37
N LYS B 140 -7.62 -28.98 -13.19
CA LYS B 140 -7.31 -28.24 -11.93
C LYS B 140 -6.07 -27.39 -12.20
N PHE B 141 -5.07 -27.96 -12.88
CA PHE B 141 -3.83 -27.23 -13.20
C PHE B 141 -4.14 -26.08 -14.15
N ALA B 142 -4.91 -26.34 -15.20
CA ALA B 142 -5.13 -25.29 -16.22
C ALA B 142 -5.97 -24.18 -15.60
N VAL B 143 -6.97 -24.54 -14.81
CA VAL B 143 -7.84 -23.51 -14.20
C VAL B 143 -6.96 -22.59 -13.35
N LEU B 144 -5.96 -23.14 -12.66
CA LEU B 144 -5.17 -22.31 -11.70
C LEU B 144 -3.84 -21.90 -12.32
N TYR B 145 -3.72 -21.98 -13.62
CA TYR B 145 -2.58 -21.39 -14.36
C TYR B 145 -2.91 -19.95 -14.71
N LEU B 146 -2.64 -19.05 -13.80
CA LEU B 146 -3.17 -17.65 -13.88
C LEU B 146 -2.17 -16.77 -14.60
N PRO B 147 -2.65 -15.64 -15.18
CA PRO B 147 -1.81 -14.62 -15.78
C PRO B 147 -0.50 -14.30 -15.04
N GLU B 148 -0.51 -14.27 -13.70
CA GLU B 148 0.74 -13.98 -12.93
C GLU B 148 1.47 -15.26 -12.56
N SER B 149 1.12 -16.40 -13.15
CA SER B 149 1.84 -17.67 -12.86
C SER B 149 3.30 -17.52 -13.26
N ASN B 150 4.22 -18.10 -12.51
CA ASN B 150 5.67 -18.12 -12.82
C ASN B 150 6.08 -19.54 -13.18
N VAL B 151 5.12 -20.41 -13.43
CA VAL B 151 5.36 -21.86 -13.66
C VAL B 151 5.46 -22.06 -15.18
N ASN B 152 6.32 -22.97 -15.65
CA ASN B 152 6.53 -23.27 -17.09
C ASN B 152 5.31 -23.99 -17.66
N LEU B 153 4.86 -23.54 -18.80
CA LEU B 153 3.83 -24.24 -19.59
C LEU B 153 4.29 -24.17 -21.03
N ASN B 154 4.23 -25.28 -21.76
CA ASN B 154 4.58 -25.31 -23.20
C ASN B 154 3.31 -25.63 -23.98
N LEU B 155 2.90 -24.72 -24.83
CA LEU B 155 1.58 -24.77 -25.50
C LEU B 155 1.51 -26.01 -26.40
N ASP B 156 2.61 -26.38 -27.05
CA ASP B 156 2.64 -27.55 -27.97
C ASP B 156 2.41 -28.83 -27.14
N THR B 157 2.99 -28.91 -25.94
CA THR B 157 2.83 -30.08 -25.02
C THR B 157 1.37 -30.14 -24.55
N MET B 158 0.78 -28.97 -24.30
CA MET B 158 -0.59 -28.80 -23.75
C MET B 158 -1.61 -29.14 -24.85
N TRP B 159 -1.41 -28.62 -26.04
CA TRP B 159 -2.22 -28.91 -27.26
C TRP B 159 -2.31 -30.42 -27.51
N GLU B 160 -1.19 -31.11 -27.40
CA GLU B 160 -1.05 -32.54 -27.73
C GLU B 160 -1.62 -33.38 -26.59
N THR B 161 -2.02 -32.79 -25.46
CA THR B 161 -2.55 -33.52 -24.27
C THR B 161 -4.10 -33.50 -24.27
N ASP B 162 -4.73 -32.31 -24.34
CA ASP B 162 -6.18 -32.09 -24.68
C ASP B 162 -6.33 -30.71 -25.34
N LYS B 163 -6.71 -30.68 -26.61
CA LYS B 163 -7.01 -29.44 -27.37
C LYS B 163 -8.02 -28.57 -26.62
N ASN B 164 -9.07 -29.15 -26.04
CA ASN B 164 -10.18 -28.38 -25.39
C ASN B 164 -9.68 -27.61 -24.16
N ILE B 165 -8.88 -28.26 -23.32
CA ILE B 165 -8.28 -27.58 -22.14
C ILE B 165 -7.34 -26.48 -22.66
N CYS B 166 -6.50 -26.81 -23.62
CA CYS B 166 -5.52 -25.84 -24.14
C CYS B 166 -6.25 -24.64 -24.74
N GLY B 167 -7.28 -24.90 -25.57
CA GLY B 167 -8.13 -23.88 -26.18
C GLY B 167 -8.78 -23.00 -25.11
N SER B 168 -9.36 -23.63 -24.10
CA SER B 168 -10.07 -22.91 -23.01
C SER B 168 -9.11 -21.98 -22.27
N LEU B 169 -7.91 -22.47 -21.94
CA LEU B 169 -6.93 -21.70 -21.15
C LEU B 169 -6.45 -20.51 -21.98
N CYS B 170 -6.29 -20.66 -23.29
CA CYS B 170 -5.82 -19.54 -24.15
C CYS B 170 -6.90 -18.47 -24.20
N PHE B 171 -8.17 -18.87 -24.19
CA PHE B 171 -9.31 -17.93 -24.13
C PHE B 171 -9.22 -17.21 -22.79
N ALA B 172 -9.08 -17.99 -21.72
CA ALA B 172 -9.12 -17.44 -20.35
C ALA B 172 -8.00 -16.40 -20.19
N LEU B 173 -6.81 -16.65 -20.77
CA LEU B 173 -5.62 -15.77 -20.59
C LEU B 173 -5.69 -14.52 -21.48
N GLN B 174 -6.63 -14.46 -22.42
CA GLN B 174 -6.82 -13.28 -23.28
C GLN B 174 -7.93 -12.41 -22.68
N SER B 175 -8.64 -12.94 -21.69
CA SER B 175 -9.95 -12.40 -21.23
C SER B 175 -9.82 -11.20 -20.29
N PRO B 176 -8.77 -11.04 -19.46
CA PRO B 176 -8.75 -9.94 -18.49
C PRO B 176 -8.67 -8.55 -19.14
N ARG B 177 -9.40 -7.59 -18.55
CA ARG B 177 -9.36 -6.16 -18.97
C ARG B 177 -8.03 -5.50 -18.51
N PHE B 178 -7.31 -6.06 -17.55
CA PHE B 178 -5.91 -5.68 -17.23
C PHE B 178 -5.01 -6.88 -17.44
N ILE B 179 -4.11 -6.78 -18.44
CA ILE B 179 -3.05 -7.77 -18.80
C ILE B 179 -1.74 -7.01 -18.99
N GLY B 180 -1.32 -6.21 -18.00
CA GLY B 180 -0.24 -5.21 -18.21
C GLY B 180 1.10 -5.65 -17.66
N THR B 181 1.10 -6.51 -16.66
CA THR B 181 2.33 -6.98 -15.97
C THR B 181 3.17 -7.78 -16.96
N PRO B 182 4.51 -7.86 -16.78
CA PRO B 182 5.34 -8.75 -17.60
C PRO B 182 4.85 -10.20 -17.74
N ALA B 183 4.43 -10.85 -16.65
CA ALA B 183 3.99 -12.25 -16.73
C ALA B 183 2.72 -12.33 -17.62
N ALA B 184 1.74 -11.46 -17.37
CA ALA B 184 0.43 -11.54 -18.03
C ALA B 184 0.58 -11.15 -19.51
N PHE B 185 1.27 -10.04 -19.77
CA PHE B 185 1.36 -9.44 -21.11
C PHE B 185 2.14 -10.36 -22.04
N SER B 186 3.13 -11.06 -21.49
CA SER B 186 3.98 -11.96 -22.31
C SER B 186 3.24 -13.28 -22.55
N LYS B 187 2.46 -13.79 -21.60
CA LYS B 187 1.61 -14.98 -21.85
C LYS B 187 0.70 -14.64 -23.04
N ARG B 188 0.09 -13.46 -23.05
CA ARG B 188 -0.90 -13.05 -24.08
C ARG B 188 -0.15 -12.81 -25.41
N SER B 189 1.00 -12.15 -25.38
CA SER B 189 1.87 -11.90 -26.57
C SER B 189 2.11 -13.20 -27.30
N THR B 190 2.60 -14.20 -26.57
CA THR B 190 2.90 -15.58 -27.05
C THR B 190 1.62 -16.25 -27.57
N ILE B 191 0.52 -16.20 -26.81
CA ILE B 191 -0.77 -16.82 -27.21
C ILE B 191 -1.14 -16.31 -28.60
N LEU B 192 -1.09 -14.99 -28.84
CA LEU B 192 -1.55 -14.35 -30.10
C LEU B 192 -0.70 -14.78 -31.29
N GLN B 193 0.56 -15.19 -31.09
CA GLN B 193 1.43 -15.75 -32.16
C GLN B 193 1.14 -17.23 -32.36
N TRP B 194 0.78 -17.98 -31.32
CA TRP B 194 0.73 -19.46 -31.41
C TRP B 194 -0.67 -19.95 -31.69
N PHE B 195 -1.66 -19.30 -31.10
CA PHE B 195 -3.04 -19.81 -30.96
C PHE B 195 -3.83 -19.72 -32.26
N PRO B 196 -3.79 -18.62 -33.05
CA PRO B 196 -4.68 -18.50 -34.20
C PRO B 196 -4.63 -19.76 -35.08
N ALA B 197 -3.45 -20.28 -35.40
CA ALA B 197 -3.28 -21.52 -36.20
C ALA B 197 -3.95 -22.74 -35.53
N LYS B 198 -4.09 -22.75 -34.21
CA LYS B 198 -4.69 -23.88 -33.45
C LYS B 198 -6.19 -23.69 -33.37
N LEU B 199 -6.65 -22.46 -33.25
CA LEU B 199 -8.10 -22.15 -33.02
C LEU B 199 -8.90 -22.35 -34.30
N GLU B 200 -8.28 -22.15 -35.47
CA GLU B 200 -8.86 -22.49 -36.81
C GLU B 200 -9.36 -23.93 -36.78
N GLN B 201 -8.60 -24.86 -36.18
CA GLN B 201 -8.90 -26.32 -36.20
C GLN B 201 -10.22 -26.62 -35.49
N PHE B 202 -10.91 -25.68 -34.83
CA PHE B 202 -12.19 -25.96 -34.10
C PHE B 202 -13.44 -25.81 -34.99
N HIS B 203 -14.42 -26.72 -34.80
CA HIS B 203 -15.69 -26.73 -35.58
C HIS B 203 -16.80 -25.98 -34.84
N VAL B 204 -16.64 -25.78 -33.53
CA VAL B 204 -17.71 -25.21 -32.65
C VAL B 204 -17.09 -24.47 -31.46
N LEU B 205 -17.89 -23.63 -30.79
CA LEU B 205 -17.57 -22.96 -29.49
C LEU B 205 -18.06 -23.83 -28.31
N ASP B 206 -18.66 -24.98 -28.55
CA ASP B 206 -19.37 -25.79 -27.51
C ASP B 206 -18.39 -26.25 -26.43
N ASP B 207 -17.10 -26.44 -26.74
CA ASP B 207 -16.11 -26.99 -25.77
C ASP B 207 -15.15 -25.90 -25.24
N LEU B 208 -15.26 -24.66 -25.74
CA LEU B 208 -14.49 -23.47 -25.27
C LEU B 208 -15.36 -22.62 -24.33
N PRO B 209 -14.74 -21.75 -23.48
CA PRO B 209 -15.51 -20.72 -22.77
C PRO B 209 -15.98 -19.59 -23.71
N SER B 210 -17.17 -19.79 -24.29
CA SER B 210 -17.83 -18.95 -25.31
C SER B 210 -18.10 -17.55 -24.76
N ASN B 211 -18.44 -17.44 -23.48
CA ASN B 211 -18.98 -16.18 -22.89
C ASN B 211 -17.90 -15.09 -22.76
N ILE B 212 -16.64 -15.42 -23.05
CA ILE B 212 -15.52 -14.43 -23.08
C ILE B 212 -14.93 -14.38 -24.48
N SER B 213 -15.65 -14.86 -25.49
CA SER B 213 -15.16 -14.85 -26.89
C SER B 213 -14.96 -13.41 -27.38
N HIS B 214 -15.87 -12.50 -27.07
CA HIS B 214 -15.78 -11.08 -27.50
C HIS B 214 -14.55 -10.43 -26.85
N ASP B 215 -14.23 -10.80 -25.61
CA ASP B 215 -12.98 -10.34 -24.93
C ASP B 215 -11.76 -10.78 -25.74
N VAL B 216 -11.71 -12.05 -26.13
CA VAL B 216 -10.56 -12.61 -26.92
C VAL B 216 -10.35 -11.74 -28.16
N TYR B 217 -11.46 -11.39 -28.81
CA TYR B 217 -11.59 -10.64 -30.09
C TYR B 217 -11.16 -9.18 -29.90
N MET B 218 -11.68 -8.51 -28.88
CA MET B 218 -11.39 -7.07 -28.63
C MET B 218 -9.96 -6.92 -28.13
N HIS B 219 -9.52 -7.75 -27.18
CA HIS B 219 -8.34 -7.47 -26.30
C HIS B 219 -7.07 -7.66 -27.10
N CYS B 220 -7.10 -8.24 -28.29
CA CYS B 220 -5.85 -8.53 -29.03
C CYS B 220 -5.32 -7.21 -29.58
N SER B 221 -6.16 -6.20 -29.73
CA SER B 221 -5.75 -4.87 -30.25
C SER B 221 -4.73 -4.21 -29.32
N TYR B 222 -4.62 -4.65 -28.06
CA TYR B 222 -3.73 -4.06 -27.02
C TYR B 222 -2.34 -4.76 -26.95
N ASP B 223 -2.07 -5.87 -27.68
CA ASP B 223 -0.69 -6.39 -27.90
C ASP B 223 0.06 -5.40 -28.80
N THR B 224 1.39 -5.61 -28.94
CA THR B 224 2.31 -4.72 -29.72
C THR B 224 2.64 -5.30 -31.11
N ALA B 225 2.46 -6.60 -31.33
CA ALA B 225 2.81 -7.28 -32.60
C ALA B 225 2.00 -6.69 -33.77
N GLU B 226 2.62 -6.59 -34.95
CA GLU B 226 1.97 -6.09 -36.19
C GLU B 226 0.81 -7.02 -36.55
N ASN B 227 0.97 -8.34 -36.36
CA ASN B 227 0.02 -9.38 -36.81
C ASN B 227 -0.91 -9.79 -35.67
N LYS B 228 -1.11 -8.92 -34.69
CA LYS B 228 -1.87 -9.21 -33.43
C LYS B 228 -3.34 -9.50 -33.69
N HIS B 229 -3.94 -9.06 -34.80
CA HIS B 229 -5.39 -9.28 -35.05
C HIS B 229 -5.65 -10.67 -35.62
N ASN B 230 -4.63 -11.48 -35.91
CA ASN B 230 -4.85 -12.78 -36.60
C ASN B 230 -5.85 -13.62 -35.82
N VAL B 231 -5.85 -13.59 -34.48
CA VAL B 231 -6.76 -14.47 -33.69
C VAL B 231 -8.21 -14.19 -34.12
N LYS B 232 -8.50 -12.99 -34.62
CA LYS B 232 -9.87 -12.59 -35.01
C LYS B 232 -10.31 -13.41 -36.25
N LYS B 233 -9.39 -13.64 -37.19
CA LYS B 233 -9.66 -14.44 -38.41
C LYS B 233 -9.93 -15.86 -37.94
N ALA B 234 -9.06 -16.42 -37.12
CA ALA B 234 -9.22 -17.79 -36.57
C ALA B 234 -10.60 -17.88 -35.91
N LEU B 235 -10.95 -16.93 -35.06
CA LEU B 235 -12.23 -16.95 -34.31
C LEU B 235 -13.41 -16.83 -35.31
N ASN B 236 -13.29 -15.94 -36.31
CA ASN B 236 -14.33 -15.71 -37.36
C ASN B 236 -14.68 -17.04 -38.04
N GLN B 237 -13.68 -17.87 -38.32
CA GLN B 237 -13.85 -19.21 -38.93
C GLN B 237 -14.66 -20.13 -38.00
N VAL B 238 -14.37 -20.10 -36.72
CA VAL B 238 -15.03 -21.03 -35.75
C VAL B 238 -16.46 -20.57 -35.55
N ILE B 239 -16.69 -19.25 -35.48
CA ILE B 239 -18.05 -18.69 -35.27
C ILE B 239 -18.87 -19.10 -36.50
N ARG B 240 -18.30 -18.90 -37.68
CA ARG B 240 -18.93 -19.33 -38.97
C ARG B 240 -19.29 -20.81 -38.89
N SER B 241 -18.31 -21.67 -38.64
CA SER B 241 -18.51 -23.13 -38.51
C SER B 241 -19.67 -23.41 -37.54
N HIS B 242 -19.62 -22.80 -36.34
CA HIS B 242 -20.58 -23.03 -35.22
C HIS B 242 -21.98 -22.71 -35.74
N LEU B 243 -22.08 -21.59 -36.47
CA LEU B 243 -23.35 -20.95 -36.88
C LEU B 243 -24.05 -21.85 -37.89
N LEU B 244 -23.34 -22.24 -38.97
CA LEU B 244 -23.81 -23.16 -40.06
C LEU B 244 -24.34 -24.47 -39.45
N LYS B 245 -23.58 -25.03 -38.50
CA LYS B 245 -23.85 -26.34 -37.86
C LYS B 245 -25.07 -26.27 -36.93
N CYS B 246 -25.59 -25.06 -36.62
CA CYS B 246 -26.86 -24.80 -35.87
C CYS B 246 -28.05 -24.72 -36.85
N GLY B 247 -27.78 -24.89 -38.16
CA GLY B 247 -28.81 -24.86 -39.22
C GLY B 247 -29.14 -23.43 -39.61
N TRP B 248 -28.18 -22.53 -39.49
CA TRP B 248 -28.22 -21.19 -40.13
C TRP B 248 -27.92 -21.36 -41.62
N GLN B 249 -28.73 -20.76 -42.49
CA GLN B 249 -28.30 -20.21 -43.79
C GLN B 249 -28.90 -18.81 -43.87
N ASP B 250 -28.25 -17.91 -44.60
CA ASP B 250 -28.95 -16.78 -45.23
C ASP B 250 -28.00 -16.06 -46.16
N ARG B 251 -28.59 -15.44 -47.20
CA ARG B 251 -27.90 -14.85 -48.37
C ARG B 251 -28.95 -14.30 -49.33
N GLN B 252 -30.14 -14.92 -49.40
CA GLN B 252 -31.14 -14.71 -50.51
C GLN B 252 -31.48 -13.20 -50.61
N ILE B 253 -30.55 -12.42 -51.17
CA ILE B 253 -30.75 -11.00 -51.62
C ILE B 253 -31.40 -11.05 -53.02
N THR B 254 -32.54 -10.36 -53.23
CA THR B 254 -33.24 -10.27 -54.55
C THR B 254 -33.70 -8.83 -54.84
N GLN B 255 -34.24 -8.10 -53.86
CA GLN B 255 -34.89 -6.77 -54.08
C GLN B 255 -34.59 -5.82 -52.92
N ILE B 256 -34.09 -4.64 -53.23
CA ILE B 256 -33.97 -3.46 -52.32
C ILE B 256 -35.37 -2.99 -51.89
N GLY B 257 -35.65 -2.97 -50.58
CA GLY B 257 -36.86 -2.29 -50.05
C GLY B 257 -36.64 -0.78 -50.02
N MET B 258 -37.72 0.01 -50.17
CA MET B 258 -37.76 1.47 -49.87
C MET B 258 -38.81 1.71 -48.76
N ARG B 259 -38.62 2.71 -47.91
CA ARG B 259 -39.61 3.21 -46.91
C ARG B 259 -39.52 4.74 -46.91
N ASN B 260 -40.67 5.44 -47.03
CA ASN B 260 -40.74 6.84 -47.53
C ASN B 260 -39.96 6.85 -48.84
N GLY B 261 -39.21 7.93 -49.17
CA GLY B 261 -38.42 8.00 -50.41
C GLY B 261 -37.39 6.86 -50.54
N LYS B 262 -36.65 6.60 -49.46
CA LYS B 262 -35.24 6.10 -49.49
C LYS B 262 -35.15 4.58 -49.28
N PRO B 263 -33.96 3.94 -49.49
CA PRO B 263 -33.72 2.55 -49.09
C PRO B 263 -33.42 2.40 -47.60
N VAL B 264 -33.54 1.15 -47.11
CA VAL B 264 -33.46 0.82 -45.66
C VAL B 264 -32.04 0.41 -45.30
N MET B 265 -31.49 1.08 -44.28
CA MET B 265 -30.18 0.78 -43.66
C MET B 265 -30.46 0.29 -42.23
N VAL B 266 -30.19 -0.98 -41.96
CA VAL B 266 -30.33 -1.55 -40.60
C VAL B 266 -29.04 -1.26 -39.82
N VAL B 267 -29.18 -0.72 -38.61
CA VAL B 267 -28.06 -0.36 -37.69
C VAL B 267 -28.14 -1.23 -36.44
N VAL B 268 -27.08 -1.99 -36.17
CA VAL B 268 -26.97 -2.94 -35.03
C VAL B 268 -25.99 -2.33 -34.02
N LEU B 269 -26.43 -2.11 -32.79
CA LEU B 269 -25.59 -1.65 -31.65
C LEU B 269 -25.87 -2.52 -30.42
N GLU B 270 -24.94 -2.57 -29.45
CA GLU B 270 -25.33 -2.81 -28.04
C GLU B 270 -25.22 -1.48 -27.29
N HIS B 271 -23.98 -0.97 -27.14
CA HIS B 271 -23.64 0.21 -26.30
C HIS B 271 -23.92 1.48 -27.12
N PHE B 272 -24.89 2.30 -26.68
CA PHE B 272 -25.38 3.52 -27.38
C PHE B 272 -26.32 4.31 -26.49
N HIS B 273 -25.86 5.43 -25.96
CA HIS B 273 -26.53 6.26 -24.93
C HIS B 273 -25.81 7.62 -24.90
N SER B 274 -26.52 8.70 -24.64
CA SER B 274 -26.05 10.10 -24.80
C SER B 274 -24.74 10.36 -24.01
N SER B 275 -24.32 9.43 -23.14
CA SER B 275 -23.10 9.57 -22.29
C SER B 275 -21.96 8.64 -22.74
N HIS B 276 -22.21 7.72 -23.69
CA HIS B 276 -21.28 6.68 -24.18
C HIS B 276 -20.39 7.22 -25.31
N SER B 277 -19.12 6.82 -25.33
CA SER B 277 -18.07 7.21 -26.31
C SER B 277 -18.64 7.12 -27.73
N ILE B 278 -19.43 6.08 -27.98
CA ILE B 278 -19.85 5.68 -29.35
C ILE B 278 -20.87 6.69 -29.87
N TYR B 279 -21.65 7.31 -29.01
CA TYR B 279 -22.70 8.27 -29.42
C TYR B 279 -22.02 9.62 -29.72
N ARG B 280 -21.03 9.96 -28.88
CA ARG B 280 -20.24 11.22 -29.02
C ARG B 280 -19.65 11.24 -30.44
N THR B 281 -19.01 10.16 -30.89
CA THR B 281 -18.26 10.06 -32.18
C THR B 281 -19.21 9.86 -33.38
N HIS B 282 -20.19 8.93 -33.30
CA HIS B 282 -20.83 8.31 -34.50
C HIS B 282 -22.29 8.74 -34.72
N SER B 283 -22.91 9.53 -33.84
CA SER B 283 -24.36 9.89 -33.88
C SER B 283 -24.64 10.88 -35.02
N THR B 284 -23.78 11.87 -35.18
CA THR B 284 -23.89 12.98 -36.15
C THR B 284 -23.96 12.42 -37.58
N SER B 285 -23.11 11.44 -37.91
CA SER B 285 -22.95 10.87 -39.28
C SER B 285 -24.16 9.98 -39.61
N MET B 286 -24.79 9.43 -38.57
CA MET B 286 -25.95 8.51 -38.65
C MET B 286 -27.23 9.32 -38.82
N ILE B 287 -27.31 10.47 -38.15
CA ILE B 287 -28.41 11.47 -38.31
C ILE B 287 -28.44 11.91 -39.79
N ALA B 288 -27.36 12.50 -40.30
CA ALA B 288 -27.17 13.01 -41.68
C ALA B 288 -27.40 11.93 -42.73
N ALA B 289 -26.94 10.69 -42.48
CA ALA B 289 -27.18 9.52 -43.35
C ALA B 289 -28.69 9.36 -43.59
N ARG B 290 -29.53 9.74 -42.62
CA ARG B 290 -31.01 9.58 -42.63
C ARG B 290 -31.66 10.42 -43.75
N GLU B 291 -30.91 11.31 -44.40
CA GLU B 291 -31.45 12.09 -45.54
C GLU B 291 -31.33 11.26 -46.83
N GLN B 292 -30.38 10.32 -46.92
CA GLN B 292 -30.22 9.40 -48.09
C GLN B 292 -30.90 8.04 -47.85
N PHE B 293 -30.95 7.58 -46.60
CA PHE B 293 -31.38 6.21 -46.21
C PHE B 293 -32.50 6.32 -45.17
N TYR B 294 -33.32 5.28 -45.07
CA TYR B 294 -34.27 5.08 -43.96
C TYR B 294 -33.57 4.18 -42.92
N LEU B 295 -33.58 4.61 -41.66
CA LEU B 295 -32.73 4.07 -40.55
C LEU B 295 -33.56 3.25 -39.55
N ILE B 296 -33.26 1.96 -39.46
CA ILE B 296 -33.83 1.04 -38.44
C ILE B 296 -32.71 0.72 -37.45
N GLY B 297 -32.87 1.18 -36.21
CA GLY B 297 -31.95 0.89 -35.08
C GLY B 297 -32.37 -0.37 -34.35
N LEU B 298 -31.42 -1.25 -34.04
CA LEU B 298 -31.67 -2.45 -33.19
C LEU B 298 -30.72 -2.36 -32.00
N GLY B 299 -31.21 -2.62 -30.79
CA GLY B 299 -30.35 -2.62 -29.60
C GLY B 299 -31.08 -2.97 -28.33
N ASN B 300 -30.43 -2.61 -27.21
CA ASN B 300 -30.77 -2.96 -25.81
C ASN B 300 -31.80 -1.93 -25.31
N ASN B 301 -32.55 -2.23 -24.25
CA ASN B 301 -33.36 -1.24 -23.50
C ASN B 301 -32.42 -0.17 -22.88
N ALA B 302 -31.12 -0.48 -22.72
CA ALA B 302 -30.07 0.42 -22.17
C ALA B 302 -30.08 1.73 -22.95
N VAL B 303 -30.27 1.67 -24.27
CA VAL B 303 -30.31 2.83 -25.20
C VAL B 303 -31.47 3.74 -24.77
N ASP B 304 -31.19 5.02 -24.51
CA ASP B 304 -32.11 6.02 -23.90
C ASP B 304 -33.05 6.60 -24.99
N GLN B 305 -33.75 7.69 -24.70
CA GLN B 305 -34.72 8.33 -25.64
C GLN B 305 -33.96 9.04 -26.75
N ALA B 306 -32.97 9.89 -26.38
CA ALA B 306 -32.10 10.65 -27.31
C ALA B 306 -31.40 9.71 -28.31
N GLY B 307 -31.14 8.46 -27.90
CA GLY B 307 -30.48 7.43 -28.72
C GLY B 307 -31.42 6.77 -29.70
N ARG B 308 -32.62 6.37 -29.26
CA ARG B 308 -33.69 5.81 -30.13
C ARG B 308 -34.05 6.82 -31.22
N ASP B 309 -33.99 8.11 -30.87
CA ASP B 309 -34.55 9.22 -31.68
C ASP B 309 -33.60 9.59 -32.84
N VAL B 310 -32.39 9.03 -32.94
CA VAL B 310 -31.53 9.26 -34.14
C VAL B 310 -31.96 8.29 -35.27
N PHE B 311 -32.91 7.39 -35.00
CA PHE B 311 -33.44 6.42 -36.01
C PHE B 311 -34.90 6.76 -36.33
N ASP B 312 -35.27 6.49 -37.59
CA ASP B 312 -36.64 6.63 -38.11
C ASP B 312 -37.54 5.76 -37.23
N GLU B 313 -37.17 4.49 -37.06
CA GLU B 313 -37.76 3.59 -36.04
C GLU B 313 -36.64 2.79 -35.36
N PHE B 314 -36.99 2.24 -34.20
CA PHE B 314 -36.05 1.54 -33.29
C PHE B 314 -36.78 0.35 -32.66
N HIS B 315 -36.07 -0.76 -32.45
CA HIS B 315 -36.62 -1.96 -31.75
C HIS B 315 -35.65 -2.39 -30.64
N GLU B 316 -36.18 -2.53 -29.44
CA GLU B 316 -35.53 -3.19 -28.28
C GLU B 316 -35.45 -4.69 -28.65
N PHE B 317 -34.31 -5.35 -28.43
CA PHE B 317 -34.20 -6.83 -28.39
C PHE B 317 -33.21 -7.29 -27.32
N ASP B 318 -33.71 -7.42 -26.08
CA ASP B 318 -32.92 -7.90 -24.90
C ASP B 318 -33.04 -9.43 -24.78
N GLY B 319 -33.46 -10.12 -25.85
CA GLY B 319 -33.26 -11.56 -26.01
C GLY B 319 -31.77 -11.89 -26.03
N SER B 320 -31.16 -12.04 -24.86
CA SER B 320 -29.70 -12.31 -24.68
C SER B 320 -29.30 -13.64 -25.32
N ASN B 321 -30.24 -14.45 -25.83
CA ASN B 321 -29.97 -15.60 -26.74
C ASN B 321 -29.51 -15.08 -28.12
N ILE B 322 -28.35 -15.53 -28.61
CA ILE B 322 -27.66 -14.97 -29.81
C ILE B 322 -28.38 -15.44 -31.07
N LEU B 323 -28.80 -16.70 -31.10
CA LEU B 323 -29.46 -17.34 -32.28
C LEU B 323 -30.82 -16.67 -32.51
N LYS B 324 -31.54 -16.36 -31.42
CA LYS B 324 -32.83 -15.61 -31.43
C LYS B 324 -32.59 -14.20 -32.00
N LYS B 325 -31.52 -13.52 -31.54
CA LYS B 325 -31.14 -12.16 -32.00
C LYS B 325 -30.80 -12.14 -33.50
N LEU B 326 -30.17 -13.18 -34.03
CA LEU B 326 -29.83 -13.27 -35.47
C LEU B 326 -31.07 -13.62 -36.27
N ALA B 327 -32.00 -14.37 -35.65
CA ALA B 327 -33.31 -14.70 -36.25
C ALA B 327 -34.14 -13.42 -36.37
N PHE B 328 -34.21 -12.61 -35.30
CA PHE B 328 -34.95 -11.31 -35.29
C PHE B 328 -34.36 -10.35 -36.33
N LEU B 329 -33.05 -10.38 -36.55
CA LEU B 329 -32.36 -9.46 -37.48
C LEU B 329 -32.58 -9.89 -38.93
N LYS B 330 -32.70 -11.20 -39.21
CA LYS B 330 -33.09 -11.73 -40.55
C LYS B 330 -34.52 -11.28 -40.89
N GLU B 331 -35.45 -11.52 -39.97
CA GLU B 331 -36.89 -11.14 -40.11
C GLU B 331 -36.95 -9.69 -40.63
N MET B 332 -36.20 -8.81 -39.98
CA MET B 332 -36.33 -7.33 -40.14
C MET B 332 -35.35 -6.81 -41.18
N CYS B 333 -34.92 -7.60 -42.15
CA CYS B 333 -34.27 -7.08 -43.38
C CYS B 333 -34.54 -8.01 -44.56
N GLU B 334 -33.56 -8.77 -45.08
CA GLU B 334 -33.58 -9.37 -46.45
C GLU B 334 -34.77 -10.36 -46.58
N LYS B 335 -35.58 -10.52 -45.54
CA LYS B 335 -36.98 -11.04 -45.62
C LYS B 335 -37.90 -9.96 -46.22
N ASN B 336 -37.77 -8.69 -45.80
CA ASN B 336 -38.73 -7.62 -46.20
C ASN B 336 -38.05 -6.36 -46.80
N ASP B 337 -36.77 -6.04 -46.51
CA ASP B 337 -36.15 -4.75 -46.98
C ASP B 337 -34.68 -4.94 -47.41
N ALA B 338 -33.72 -4.68 -46.49
CA ALA B 338 -32.30 -5.11 -46.52
C ALA B 338 -31.46 -4.43 -47.59
N ALA B 339 -30.99 -3.21 -47.35
CA ALA B 339 -30.12 -2.51 -48.32
C ALA B 339 -28.66 -2.52 -47.83
N VAL B 340 -28.47 -2.10 -46.58
CA VAL B 340 -27.14 -1.84 -45.96
C VAL B 340 -27.24 -2.25 -44.48
N LEU B 341 -26.19 -2.90 -43.99
CA LEU B 341 -26.04 -3.23 -42.56
C LEU B 341 -24.83 -2.47 -42.01
N TYR B 342 -25.05 -1.65 -40.97
CA TYR B 342 -24.04 -0.75 -40.36
C TYR B 342 -23.99 -1.09 -38.88
N MET B 343 -22.79 -1.41 -38.40
CA MET B 343 -22.47 -1.52 -36.96
C MET B 343 -21.37 -0.51 -36.70
N PRO B 344 -21.66 0.57 -35.92
CA PRO B 344 -20.67 1.61 -35.69
C PRO B 344 -19.57 1.11 -34.74
N SER B 345 -19.90 0.17 -33.83
CA SER B 345 -18.97 -0.57 -32.96
C SER B 345 -19.13 -2.07 -33.22
N ILE B 346 -18.01 -2.79 -33.32
CA ILE B 346 -18.02 -4.27 -33.46
C ILE B 346 -17.00 -4.84 -32.47
N GLY B 347 -17.49 -5.73 -31.60
CA GLY B 347 -16.64 -6.59 -30.75
C GLY B 347 -16.82 -6.35 -29.26
N MET B 348 -17.73 -5.47 -28.85
CA MET B 348 -18.02 -5.20 -27.41
C MET B 348 -19.12 -6.14 -26.95
N ASP B 349 -19.84 -6.75 -27.91
CA ASP B 349 -20.91 -7.74 -27.65
C ASP B 349 -20.66 -8.95 -28.55
N LEU B 350 -20.89 -10.16 -28.02
CA LEU B 350 -20.64 -11.40 -28.77
C LEU B 350 -21.63 -11.48 -29.95
N ALA B 351 -22.87 -11.00 -29.76
CA ALA B 351 -23.93 -11.03 -30.80
C ALA B 351 -23.43 -10.35 -32.08
N THR B 352 -22.74 -9.21 -31.97
CA THR B 352 -22.35 -8.39 -33.15
C THR B 352 -21.20 -9.04 -33.92
N ILE B 353 -20.40 -9.87 -33.26
CA ILE B 353 -19.35 -10.69 -33.95
C ILE B 353 -20.02 -11.80 -34.77
N PHE B 354 -21.11 -12.38 -34.28
CA PHE B 354 -21.86 -13.45 -35.01
C PHE B 354 -22.44 -12.84 -36.28
N VAL B 355 -23.06 -11.66 -36.15
CA VAL B 355 -23.69 -10.86 -37.24
C VAL B 355 -22.68 -10.61 -38.35
N SER B 356 -21.40 -10.37 -38.03
CA SER B 356 -20.34 -10.05 -39.02
C SER B 356 -19.85 -11.32 -39.73
N ASN B 357 -20.45 -12.48 -39.46
CA ASN B 357 -20.08 -13.81 -40.04
C ASN B 357 -21.29 -14.45 -40.76
N ALA B 358 -22.21 -13.62 -41.21
CA ALA B 358 -23.43 -14.04 -41.94
C ALA B 358 -23.86 -12.89 -42.83
N ARG B 359 -24.78 -13.19 -43.76
CA ARG B 359 -25.22 -12.28 -44.85
C ARG B 359 -26.62 -11.82 -44.52
N PHE B 360 -26.83 -10.51 -44.43
CA PHE B 360 -28.13 -9.85 -44.13
C PHE B 360 -28.44 -8.75 -45.15
N ALA B 361 -27.43 -8.29 -45.89
CA ALA B 361 -27.52 -7.14 -46.81
C ALA B 361 -26.35 -7.18 -47.78
N PRO B 362 -26.51 -6.63 -49.01
CA PRO B 362 -25.47 -6.75 -50.03
C PRO B 362 -24.22 -5.93 -49.68
N ILE B 363 -24.44 -4.77 -49.04
CA ILE B 363 -23.42 -3.83 -48.50
C ILE B 363 -23.44 -3.94 -46.96
N GLN B 364 -22.42 -4.55 -46.36
CA GLN B 364 -22.27 -4.65 -44.87
C GLN B 364 -21.04 -3.84 -44.42
N VAL B 365 -21.25 -2.96 -43.42
CA VAL B 365 -20.33 -1.84 -43.07
C VAL B 365 -20.04 -1.85 -41.57
N ILE B 366 -18.81 -1.49 -41.21
CA ILE B 366 -18.45 -1.17 -39.81
C ILE B 366 -17.80 0.20 -39.79
N ALA B 367 -18.00 0.92 -38.69
CA ALA B 367 -17.15 2.05 -38.24
C ALA B 367 -16.19 1.53 -37.15
N LEU B 368 -15.47 2.44 -36.49
CA LEU B 368 -14.37 2.11 -35.56
C LEU B 368 -14.65 2.68 -34.18
N GLY B 369 -15.88 2.53 -33.70
CA GLY B 369 -16.15 2.39 -32.26
C GLY B 369 -15.00 1.65 -31.58
N HIS B 370 -14.76 0.39 -31.97
CA HIS B 370 -13.53 -0.39 -31.64
C HIS B 370 -12.58 -0.40 -32.84
N PRO B 371 -11.47 0.39 -32.77
CA PRO B 371 -10.63 0.65 -33.94
C PRO B 371 -9.69 -0.49 -34.34
N ALA B 372 -10.26 -1.57 -34.86
CA ALA B 372 -9.56 -2.76 -35.40
C ALA B 372 -10.33 -3.37 -36.58
N THR B 373 -9.60 -3.96 -37.53
CA THR B 373 -10.19 -4.82 -38.60
C THR B 373 -10.98 -5.97 -37.94
N THR B 374 -11.92 -6.55 -38.68
CA THR B 374 -12.77 -7.70 -38.25
C THR B 374 -12.24 -9.02 -38.83
N HIS B 375 -11.41 -8.97 -39.89
CA HIS B 375 -10.92 -10.15 -40.63
C HIS B 375 -12.10 -11.04 -41.02
N SER B 376 -13.22 -10.44 -41.44
CA SER B 376 -14.44 -11.18 -41.85
C SER B 376 -14.63 -11.06 -43.37
N GLU B 377 -14.94 -12.19 -44.03
CA GLU B 377 -15.36 -12.24 -45.46
C GLU B 377 -16.68 -11.45 -45.66
N PHE B 378 -17.60 -11.50 -44.70
CA PHE B 378 -18.97 -10.92 -44.80
C PHE B 378 -18.98 -9.40 -44.60
N ILE B 379 -17.84 -8.72 -44.52
CA ILE B 379 -17.86 -7.24 -44.29
C ILE B 379 -17.09 -6.56 -45.43
N GLU B 380 -17.80 -5.71 -46.17
CA GLU B 380 -17.29 -5.12 -47.42
C GLU B 380 -16.39 -3.94 -47.04
N TYR B 381 -16.95 -2.97 -46.30
CA TYR B 381 -16.42 -1.58 -46.17
C TYR B 381 -16.23 -1.18 -44.69
N VAL B 382 -15.23 -0.35 -44.42
CA VAL B 382 -14.96 0.31 -43.11
C VAL B 382 -15.06 1.83 -43.29
N ILE B 383 -15.88 2.50 -42.47
CA ILE B 383 -16.01 3.98 -42.42
C ILE B 383 -14.90 4.51 -41.52
N VAL B 384 -14.11 5.50 -41.97
CA VAL B 384 -13.09 6.15 -41.11
C VAL B 384 -12.67 7.50 -41.70
N GLU B 385 -12.43 8.50 -40.86
CA GLU B 385 -11.92 9.84 -41.24
C GLU B 385 -10.52 9.68 -41.85
N ASP B 386 -10.19 10.44 -42.89
CA ASP B 386 -8.95 10.27 -43.69
C ASP B 386 -7.70 10.38 -42.78
N ASP B 387 -7.68 11.34 -41.85
CA ASP B 387 -6.46 11.71 -41.06
C ASP B 387 -6.15 10.70 -39.95
N TYR B 388 -7.07 9.73 -39.74
CA TYR B 388 -6.99 8.66 -38.71
C TYR B 388 -6.33 7.41 -39.30
N VAL B 389 -6.07 7.35 -40.60
CA VAL B 389 -5.62 6.08 -41.26
C VAL B 389 -4.11 6.10 -41.44
N GLY B 390 -3.46 4.97 -41.12
CA GLY B 390 -2.00 4.81 -41.21
C GLY B 390 -1.67 4.05 -42.47
N SER B 391 -1.67 2.72 -42.38
CA SER B 391 -1.72 1.80 -43.53
C SER B 391 -3.18 1.41 -43.81
N GLU B 392 -3.54 1.29 -45.08
CA GLU B 392 -4.80 0.69 -45.59
C GLU B 392 -4.73 -0.83 -45.35
N SER B 393 -3.51 -1.37 -45.18
CA SER B 393 -3.16 -2.82 -45.20
C SER B 393 -3.43 -3.49 -43.85
N CYS B 394 -3.50 -2.69 -42.77
CA CYS B 394 -3.88 -3.07 -41.38
C CYS B 394 -5.31 -3.67 -41.35
N PHE B 395 -6.08 -3.45 -42.43
CA PHE B 395 -7.50 -3.85 -42.59
C PHE B 395 -7.69 -4.81 -43.76
N SER B 396 -8.42 -5.91 -43.51
CA SER B 396 -8.80 -6.98 -44.47
C SER B 396 -9.86 -6.47 -45.46
N GLU B 397 -10.64 -5.47 -45.05
CA GLU B 397 -11.78 -4.84 -45.75
C GLU B 397 -11.30 -3.60 -46.52
N THR B 398 -12.15 -3.06 -47.42
CA THR B 398 -11.85 -1.81 -48.16
C THR B 398 -12.20 -0.63 -47.25
N LEU B 399 -11.30 0.34 -47.15
CA LEU B 399 -11.52 1.57 -46.33
C LEU B 399 -12.31 2.58 -47.16
N LEU B 400 -13.36 3.16 -46.58
CA LEU B 400 -14.04 4.36 -47.11
C LEU B 400 -13.51 5.60 -46.37
N ARG B 401 -12.45 6.20 -46.90
CA ARG B 401 -11.74 7.35 -46.30
C ARG B 401 -12.56 8.63 -46.54
N LEU B 402 -13.32 9.05 -45.53
CA LEU B 402 -14.12 10.29 -45.50
C LEU B 402 -13.23 11.47 -45.12
N PRO B 403 -13.57 12.72 -45.55
CA PRO B 403 -12.76 13.89 -45.20
C PRO B 403 -12.68 14.19 -43.70
N LYS B 404 -11.58 14.83 -43.28
CA LYS B 404 -11.25 15.24 -41.87
C LYS B 404 -12.52 15.46 -41.03
N ASP B 405 -13.53 16.15 -41.57
CA ASP B 405 -14.65 16.74 -40.77
C ASP B 405 -15.95 15.98 -41.04
N ALA B 406 -15.86 14.80 -41.65
CA ALA B 406 -16.96 13.79 -41.68
C ALA B 406 -16.92 13.11 -40.32
N LEU B 407 -18.05 12.92 -39.64
CA LEU B 407 -18.05 12.45 -38.22
C LEU B 407 -17.61 13.58 -37.27
N PRO B 408 -18.33 14.71 -37.23
CA PRO B 408 -18.20 15.67 -36.14
C PRO B 408 -18.64 15.05 -34.81
N TYR B 409 -17.77 15.17 -33.80
CA TYR B 409 -17.99 14.72 -32.41
C TYR B 409 -19.07 15.60 -31.76
N VAL B 410 -19.50 15.18 -30.58
CA VAL B 410 -20.59 15.84 -29.81
C VAL B 410 -20.13 15.88 -28.36
N PRO B 411 -20.41 16.98 -27.62
CA PRO B 411 -20.07 17.02 -26.20
C PRO B 411 -20.89 15.98 -25.44
N SER B 412 -20.31 15.39 -24.39
CA SER B 412 -21.07 14.62 -23.37
C SER B 412 -22.11 15.56 -22.77
N SER B 413 -23.29 15.06 -22.41
CA SER B 413 -24.31 15.83 -21.65
C SER B 413 -23.69 16.22 -20.30
N LEU B 414 -22.86 15.35 -19.72
CA LEU B 414 -22.25 15.52 -18.37
C LEU B 414 -20.94 16.32 -18.45
N ALA B 415 -20.47 16.72 -19.64
CA ALA B 415 -19.22 17.48 -19.82
C ALA B 415 -19.33 18.80 -19.07
N PRO B 416 -18.22 19.39 -18.60
CA PRO B 416 -18.27 20.58 -17.75
C PRO B 416 -18.50 21.84 -18.59
N THR B 417 -18.73 22.97 -17.92
CA THR B 417 -18.97 24.31 -18.56
C THR B 417 -17.96 25.31 -17.97
N ASP B 418 -17.97 25.56 -16.65
CA ASP B 418 -17.10 26.56 -15.96
C ASP B 418 -15.64 26.42 -16.42
N VAL B 419 -15.09 25.21 -16.28
CA VAL B 419 -13.65 24.87 -16.54
C VAL B 419 -12.79 26.12 -16.29
N GLN B 420 -12.58 26.47 -15.02
CA GLN B 420 -11.51 27.43 -14.61
C GLN B 420 -10.16 26.76 -14.87
N TYR B 421 -9.41 27.28 -15.84
CA TYR B 421 -8.07 26.77 -16.21
C TYR B 421 -7.09 27.08 -15.06
N VAL B 422 -6.15 26.19 -14.79
CA VAL B 422 -5.06 26.43 -13.81
C VAL B 422 -3.72 26.24 -14.54
N LEU B 423 -2.91 27.29 -14.61
CA LEU B 423 -1.58 27.28 -15.28
C LEU B 423 -0.52 27.68 -14.27
N ARG B 424 0.00 26.69 -13.56
CA ARG B 424 1.10 26.84 -12.57
C ARG B 424 2.33 27.36 -13.31
N GLU B 425 2.93 28.44 -12.83
CA GLU B 425 4.01 29.13 -13.59
C GLU B 425 5.25 28.23 -13.58
N THR B 426 5.90 28.06 -12.44
CA THR B 426 7.07 27.15 -12.29
C THR B 426 6.77 26.23 -11.11
N PRO B 427 6.26 25.01 -11.39
CA PRO B 427 6.02 24.05 -10.33
C PRO B 427 7.38 23.40 -10.00
N GLU B 428 7.59 23.06 -8.72
CA GLU B 428 8.78 22.30 -8.20
C GLU B 428 8.73 20.88 -8.76
N VAL B 429 7.51 20.35 -8.97
CA VAL B 429 7.19 18.95 -9.39
C VAL B 429 6.19 19.03 -10.54
N VAL B 430 6.50 18.43 -11.69
CA VAL B 430 5.60 18.51 -12.89
C VAL B 430 4.60 17.34 -12.86
N ASN B 431 3.34 17.57 -12.48
CA ASN B 431 2.30 16.51 -12.42
C ASN B 431 1.90 16.11 -13.84
N ILE B 432 2.04 14.83 -14.17
CA ILE B 432 1.76 14.25 -15.51
C ILE B 432 0.56 13.31 -15.45
N GLY B 433 -0.52 13.63 -16.13
CA GLY B 433 -1.74 12.82 -16.16
C GLY B 433 -1.70 11.73 -17.24
N ILE B 434 -2.18 10.53 -16.91
CA ILE B 434 -2.38 9.42 -17.88
C ILE B 434 -3.83 9.00 -17.77
N ALA B 435 -4.61 9.34 -18.80
CA ALA B 435 -6.04 9.01 -18.92
C ALA B 435 -6.14 7.74 -19.75
N ALA B 436 -6.18 6.58 -19.10
CA ALA B 436 -6.06 5.28 -19.77
C ALA B 436 -6.86 4.23 -19.00
N THR B 437 -7.66 3.43 -19.70
CA THR B 437 -8.24 2.21 -19.10
C THR B 437 -7.09 1.21 -18.91
N THR B 438 -7.28 0.22 -18.02
CA THR B 438 -6.29 -0.83 -17.69
C THR B 438 -5.86 -1.60 -18.93
N MET B 439 -6.74 -1.73 -19.93
CA MET B 439 -6.41 -2.50 -21.14
C MET B 439 -5.16 -1.91 -21.78
N LYS B 440 -4.93 -0.60 -21.67
CA LYS B 440 -3.91 0.11 -22.48
C LYS B 440 -2.56 0.12 -21.76
N LEU B 441 -2.52 -0.35 -20.51
CA LEU B 441 -1.27 -0.41 -19.72
C LEU B 441 -0.47 -1.64 -20.17
N ASN B 442 0.85 -1.52 -20.23
CA ASN B 442 1.72 -2.64 -20.65
C ASN B 442 3.15 -2.38 -20.17
N PRO B 443 4.05 -3.37 -20.20
CA PRO B 443 5.42 -3.16 -19.81
C PRO B 443 6.14 -2.08 -20.63
N TYR B 444 5.80 -1.87 -21.91
CA TYR B 444 6.54 -0.94 -22.81
C TYR B 444 6.24 0.48 -22.35
N PHE B 445 4.96 0.76 -22.14
CA PHE B 445 4.50 2.08 -21.66
C PHE B 445 5.07 2.40 -20.28
N LEU B 446 5.20 1.44 -19.39
CA LEU B 446 5.69 1.71 -18.02
C LEU B 446 7.23 1.78 -18.00
N GLU B 447 7.97 0.91 -18.70
CA GLU B 447 9.45 1.07 -18.90
C GLU B 447 9.68 2.51 -19.37
N THR B 448 8.87 2.97 -20.32
CA THR B 448 9.02 4.29 -20.97
C THR B 448 8.80 5.39 -19.92
N LEU B 449 7.69 5.42 -19.20
CA LEU B 449 7.49 6.41 -18.11
C LEU B 449 8.61 6.28 -17.07
N LYS B 450 9.15 5.09 -16.87
CA LYS B 450 10.24 4.93 -15.88
C LYS B 450 11.45 5.71 -16.38
N THR B 451 11.79 5.53 -17.65
CA THR B 451 12.98 6.12 -18.29
C THR B 451 12.81 7.64 -18.37
N ILE B 452 11.59 8.11 -18.59
CA ILE B 452 11.24 9.57 -18.62
C ILE B 452 11.58 10.18 -17.27
N ARG B 453 11.18 9.55 -16.18
CA ARG B 453 11.39 10.10 -14.81
C ARG B 453 12.89 10.12 -14.51
N ASP B 454 13.65 9.15 -15.05
CA ASP B 454 15.06 8.87 -14.71
C ASP B 454 15.97 9.88 -15.42
N ARG B 455 15.60 10.31 -16.62
CA ARG B 455 16.40 11.25 -17.44
C ARG B 455 15.95 12.68 -17.21
N ALA B 456 14.66 12.93 -17.05
CA ALA B 456 14.13 14.29 -16.82
C ALA B 456 15.02 15.03 -15.81
N LYS B 457 15.48 16.24 -16.15
CA LYS B 457 16.25 17.12 -15.23
C LYS B 457 15.32 17.75 -14.19
N VAL B 458 14.01 17.55 -14.25
CA VAL B 458 13.01 18.09 -13.26
C VAL B 458 12.29 16.92 -12.58
N LYS B 459 11.87 17.10 -11.33
CA LYS B 459 11.08 16.10 -10.57
C LYS B 459 9.70 16.00 -11.22
N VAL B 460 9.21 14.77 -11.45
CA VAL B 460 7.88 14.52 -12.08
C VAL B 460 7.05 13.62 -11.16
N HIS B 461 5.74 13.75 -11.19
CA HIS B 461 4.81 12.83 -10.50
C HIS B 461 3.71 12.41 -11.47
N PHE B 462 3.52 11.10 -11.71
CA PHE B 462 2.46 10.56 -12.62
C PHE B 462 1.17 10.29 -11.85
N HIS B 463 0.04 10.67 -12.43
CA HIS B 463 -1.31 10.45 -11.87
C HIS B 463 -2.10 9.66 -12.89
N PHE B 464 -2.38 8.38 -12.62
CA PHE B 464 -3.11 7.47 -13.55
C PHE B 464 -4.59 7.48 -13.19
N ALA B 465 -5.41 8.05 -14.07
CA ALA B 465 -6.87 7.96 -13.96
C ALA B 465 -7.29 6.68 -14.69
N LEU B 466 -7.65 5.63 -13.94
CA LEU B 466 -7.67 4.22 -14.45
C LEU B 466 -9.11 3.72 -14.66
N GLY B 467 -9.67 3.89 -15.87
CA GLY B 467 -10.91 3.20 -16.22
C GLY B 467 -10.77 1.69 -16.05
N GLN B 468 -11.83 1.02 -15.59
CA GLN B 468 -11.91 -0.43 -15.33
C GLN B 468 -11.04 -0.90 -14.15
N SER B 469 -10.33 -0.02 -13.42
CA SER B 469 -9.67 -0.39 -12.13
C SER B 469 -10.66 -0.15 -11.00
N ILE B 470 -11.42 -1.21 -10.70
CA ILE B 470 -12.54 -1.22 -9.71
C ILE B 470 -12.26 -2.35 -8.73
N GLY B 471 -12.54 -2.14 -7.44
CA GLY B 471 -12.64 -3.25 -6.47
C GLY B 471 -11.37 -4.08 -6.43
N ILE B 472 -11.45 -5.40 -6.63
CA ILE B 472 -10.28 -6.30 -6.44
C ILE B 472 -9.30 -6.13 -7.60
N THR B 473 -9.59 -5.30 -8.58
CA THR B 473 -8.61 -5.00 -9.65
C THR B 473 -7.51 -4.09 -9.10
N HIS B 474 -7.86 -3.17 -8.22
CA HIS B 474 -7.01 -1.98 -7.92
C HIS B 474 -5.70 -2.35 -7.23
N PRO B 475 -5.66 -3.18 -6.17
CA PRO B 475 -4.37 -3.53 -5.57
C PRO B 475 -3.34 -4.02 -6.60
N TYR B 476 -3.79 -4.92 -7.48
CA TYR B 476 -2.95 -5.54 -8.53
C TYR B 476 -2.41 -4.46 -9.46
N VAL B 477 -3.28 -3.57 -9.92
CA VAL B 477 -2.88 -2.45 -10.82
C VAL B 477 -1.91 -1.54 -10.08
N ALA B 478 -2.17 -1.27 -8.81
CA ALA B 478 -1.39 -0.29 -8.01
C ALA B 478 0.06 -0.77 -7.90
N ARG B 479 0.25 -2.06 -7.67
CA ARG B 479 1.57 -2.67 -7.37
C ARG B 479 2.33 -2.76 -8.71
N PHE B 480 1.64 -3.05 -9.79
CA PHE B 480 2.23 -3.04 -11.14
C PHE B 480 2.88 -1.67 -11.34
N ILE B 481 2.09 -0.60 -11.16
CA ILE B 481 2.62 0.79 -11.36
C ILE B 481 3.76 1.05 -10.37
N ARG B 482 3.60 0.74 -9.08
CA ARG B 482 4.62 1.02 -8.03
C ARG B 482 5.93 0.30 -8.40
N SER B 483 5.85 -0.91 -8.98
CA SER B 483 7.05 -1.73 -9.29
C SER B 483 7.90 -0.99 -10.35
N TYR B 484 7.31 -0.12 -11.15
CA TYR B 484 8.02 0.68 -12.18
C TYR B 484 8.39 2.06 -11.60
N LEU B 485 7.49 2.73 -10.86
CA LEU B 485 7.64 4.17 -10.54
C LEU B 485 7.67 4.47 -9.04
N GLY B 486 7.72 3.46 -8.17
CA GLY B 486 7.71 3.64 -6.70
C GLY B 486 6.75 4.73 -6.25
N ASP B 487 7.24 5.73 -5.55
CA ASP B 487 6.42 6.80 -4.93
C ASP B 487 6.24 7.96 -5.91
N ASP B 488 6.74 7.85 -7.15
CA ASP B 488 6.59 8.93 -8.16
C ASP B 488 5.32 8.73 -9.00
N ALA B 489 4.36 7.94 -8.54
CA ALA B 489 3.09 7.69 -9.25
C ALA B 489 1.98 7.42 -8.25
N THR B 490 0.75 7.69 -8.64
CA THR B 490 -0.47 7.49 -7.85
C THR B 490 -1.47 6.85 -8.78
N ALA B 491 -2.11 5.78 -8.34
CA ALA B 491 -3.06 4.98 -9.14
C ALA B 491 -4.45 5.28 -8.61
N HIS B 492 -5.19 6.15 -9.28
CA HIS B 492 -6.58 6.55 -8.94
C HIS B 492 -7.50 5.47 -9.47
N PRO B 493 -8.34 4.86 -8.62
CA PRO B 493 -9.39 3.99 -9.13
C PRO B 493 -10.34 4.66 -10.13
N HIS B 494 -11.05 3.84 -10.88
CA HIS B 494 -12.25 4.26 -11.65
C HIS B 494 -13.03 5.21 -10.76
N SER B 495 -13.37 6.40 -11.25
CA SER B 495 -14.10 7.46 -10.50
C SER B 495 -15.27 7.92 -11.35
N PRO B 496 -16.31 8.56 -10.78
CA PRO B 496 -17.35 9.18 -11.60
C PRO B 496 -16.74 10.35 -12.41
N TYR B 497 -17.32 10.66 -13.57
CA TYR B 497 -16.76 11.61 -14.57
C TYR B 497 -16.29 12.91 -13.92
N ASN B 498 -17.10 13.51 -13.04
CA ASN B 498 -16.74 14.81 -12.43
C ASN B 498 -15.42 14.62 -11.67
N ARG B 499 -15.27 13.52 -10.95
CA ARG B 499 -14.08 13.21 -10.10
C ARG B 499 -12.86 12.93 -10.99
N TYR B 500 -13.05 12.19 -12.09
CA TYR B 500 -12.00 11.86 -13.10
C TYR B 500 -11.39 13.15 -13.67
N LEU B 501 -12.19 14.19 -13.95
CA LEU B 501 -11.70 15.49 -14.47
C LEU B 501 -10.92 16.23 -13.37
N ASP B 502 -11.43 16.24 -12.13
CA ASP B 502 -10.73 16.79 -10.94
C ASP B 502 -9.29 16.23 -10.88
N ILE B 503 -9.09 14.92 -11.12
CA ILE B 503 -7.74 14.27 -11.08
C ILE B 503 -6.85 14.86 -12.18
N LEU B 504 -7.39 15.03 -13.39
CA LEU B 504 -6.60 15.57 -14.53
C LEU B 504 -6.40 17.07 -14.33
N HIS B 505 -7.44 17.75 -13.82
CA HIS B 505 -7.47 19.22 -13.63
C HIS B 505 -6.31 19.64 -12.74
N ASN B 506 -5.83 18.70 -11.94
CA ASN B 506 -4.71 18.87 -10.99
C ASN B 506 -3.37 18.83 -11.74
N CYS B 507 -3.34 18.47 -13.02
CA CYS B 507 -2.08 18.13 -13.74
C CYS B 507 -1.55 19.32 -14.56
N ASP B 508 -0.25 19.28 -14.88
CA ASP B 508 0.48 20.30 -15.67
C ASP B 508 0.56 19.91 -17.15
N MET B 509 0.57 18.61 -17.46
CA MET B 509 0.61 18.06 -18.84
C MET B 509 0.03 16.64 -18.80
N MET B 510 0.05 15.93 -19.92
CA MET B 510 -0.46 14.54 -20.02
C MET B 510 0.33 13.71 -21.01
N LEU B 511 0.34 12.39 -20.83
CA LEU B 511 0.91 11.42 -21.80
C LEU B 511 -0.20 10.50 -22.29
N ASN B 512 -0.27 10.29 -23.60
CA ASN B 512 -1.19 9.29 -24.15
C ASN B 512 -0.42 7.99 -24.11
N PRO B 513 -1.10 6.90 -23.71
CA PRO B 513 -0.50 5.57 -23.72
C PRO B 513 -0.33 5.00 -25.13
N PHE B 514 0.30 3.82 -25.23
CA PHE B 514 0.53 3.08 -26.49
C PHE B 514 0.80 1.61 -26.16
N PRO B 515 0.63 0.67 -27.14
CA PRO B 515 0.42 1.00 -28.55
C PRO B 515 -0.94 1.64 -28.91
N PHE B 516 -1.96 1.31 -28.13
CA PHE B 516 -3.36 1.72 -28.35
C PHE B 516 -3.62 3.04 -27.61
N GLY B 517 -3.86 4.14 -28.35
CA GLY B 517 -3.97 5.49 -27.79
C GLY B 517 -5.38 5.86 -27.35
N ASN B 518 -5.59 7.15 -27.06
CA ASN B 518 -6.85 7.75 -26.56
C ASN B 518 -7.63 8.40 -27.71
N THR B 519 -8.88 8.74 -27.39
CA THR B 519 -9.88 9.45 -28.24
C THR B 519 -10.66 10.40 -27.33
N ASN B 520 -11.70 9.90 -26.65
CA ASN B 520 -12.48 10.66 -25.63
C ASN B 520 -11.51 11.18 -24.58
N GLY B 521 -10.41 10.45 -24.31
CA GLY B 521 -9.34 10.89 -23.39
C GLY B 521 -8.69 12.18 -23.81
N ILE B 522 -8.67 12.45 -25.12
CA ILE B 522 -7.97 13.64 -25.71
C ILE B 522 -8.91 14.83 -25.61
N ILE B 523 -10.19 14.62 -25.91
CA ILE B 523 -11.30 15.61 -25.66
C ILE B 523 -11.25 16.01 -24.17
N ASP B 524 -11.07 15.07 -23.25
CA ASP B 524 -10.95 15.36 -21.78
C ASP B 524 -9.74 16.25 -21.56
N MET B 525 -8.61 15.96 -22.21
CA MET B 525 -7.37 16.78 -22.14
C MET B 525 -7.71 18.24 -22.51
N VAL B 526 -8.18 18.48 -23.73
CA VAL B 526 -8.37 19.86 -24.25
C VAL B 526 -9.57 20.51 -23.55
N THR B 527 -10.52 19.73 -23.03
CA THR B 527 -11.66 20.30 -22.25
C THR B 527 -11.05 21.03 -21.04
N LEU B 528 -9.92 20.57 -20.50
CA LEU B 528 -9.27 21.19 -19.33
C LEU B 528 -8.14 22.14 -19.75
N GLY B 529 -7.99 22.41 -21.04
CA GLY B 529 -6.88 23.20 -21.59
C GLY B 529 -5.54 22.56 -21.32
N LEU B 530 -5.45 21.24 -21.47
CA LEU B 530 -4.17 20.53 -21.22
C LEU B 530 -3.55 20.16 -22.56
N VAL B 531 -2.23 20.05 -22.55
CA VAL B 531 -1.42 19.64 -23.73
C VAL B 531 -0.69 18.37 -23.30
N GLY B 532 -0.15 17.62 -24.26
CA GLY B 532 0.57 16.37 -23.97
C GLY B 532 1.09 15.71 -25.22
N VAL B 533 1.95 14.71 -25.02
CA VAL B 533 2.64 13.94 -26.08
C VAL B 533 1.84 12.68 -26.38
N CYS B 534 2.07 12.08 -27.54
CA CYS B 534 1.41 10.84 -28.02
C CYS B 534 2.36 10.14 -29.01
N LYS B 535 2.07 8.89 -29.35
CA LYS B 535 2.84 8.10 -30.35
C LYS B 535 1.93 7.86 -31.55
N THR B 536 2.53 7.60 -32.70
CA THR B 536 1.80 7.27 -33.96
C THR B 536 2.36 5.95 -34.48
N GLY B 537 1.58 5.29 -35.34
CA GLY B 537 1.91 4.00 -35.97
C GLY B 537 0.94 3.65 -37.09
N PRO B 538 1.16 2.51 -37.76
CA PRO B 538 0.26 2.03 -38.81
C PRO B 538 -1.23 1.82 -38.47
N GLU B 539 -1.55 1.28 -37.30
CA GLU B 539 -2.96 0.94 -36.94
C GLU B 539 -3.72 2.27 -36.74
N VAL B 540 -5.03 2.30 -36.96
CA VAL B 540 -5.90 3.48 -36.63
C VAL B 540 -5.76 3.83 -35.14
N HIS B 541 -5.80 2.83 -34.26
CA HIS B 541 -5.74 3.03 -32.80
C HIS B 541 -4.35 3.58 -32.39
N GLU B 542 -3.37 3.64 -33.32
CA GLU B 542 -2.06 4.34 -33.12
C GLU B 542 -2.08 5.75 -33.73
N HIS B 543 -2.91 5.97 -34.75
CA HIS B 543 -2.83 7.17 -35.61
C HIS B 543 -3.87 8.21 -35.16
N ILE B 544 -4.96 7.81 -34.49
CA ILE B 544 -6.04 8.77 -34.07
C ILE B 544 -5.38 9.93 -33.32
N ASP B 545 -4.41 9.63 -32.48
CA ASP B 545 -3.70 10.63 -31.64
C ASP B 545 -3.09 11.68 -32.57
N GLU B 546 -2.21 11.26 -33.49
CA GLU B 546 -1.60 12.09 -34.58
C GLU B 546 -2.69 12.92 -35.28
N GLY B 547 -3.78 12.29 -35.71
CA GLY B 547 -4.91 12.96 -36.37
C GLY B 547 -5.50 14.09 -35.54
N LEU B 548 -5.90 13.80 -34.30
CA LEU B 548 -6.67 14.74 -33.41
C LEU B 548 -5.82 15.93 -33.03
N PHE B 549 -4.52 15.72 -32.78
CA PHE B 549 -3.53 16.77 -32.44
C PHE B 549 -3.45 17.77 -33.59
N LYS B 550 -3.37 17.27 -34.83
CA LYS B 550 -3.37 18.11 -36.06
C LYS B 550 -4.67 18.88 -36.15
N ARG B 551 -5.81 18.25 -35.86
CA ARG B 551 -7.14 18.92 -35.86
C ARG B 551 -7.19 19.99 -34.77
N LEU B 552 -6.14 20.19 -33.97
CA LEU B 552 -6.20 21.16 -32.84
C LEU B 552 -5.16 22.26 -33.01
N GLY B 553 -4.46 22.32 -34.15
CA GLY B 553 -3.37 23.27 -34.41
C GLY B 553 -2.18 23.05 -33.49
N LEU B 554 -2.07 21.86 -32.92
CA LEU B 554 -0.95 21.44 -32.03
C LEU B 554 0.25 21.11 -32.89
N PRO B 555 1.48 21.26 -32.37
CA PRO B 555 2.69 20.97 -33.14
C PRO B 555 3.04 19.50 -33.43
N GLU B 556 3.79 19.28 -34.51
CA GLU B 556 4.29 17.96 -34.98
C GLU B 556 5.19 17.32 -33.90
N TRP B 557 5.99 18.10 -33.17
CA TRP B 557 7.02 17.55 -32.22
C TRP B 557 6.34 16.85 -31.04
N LEU B 558 5.07 17.17 -30.73
CA LEU B 558 4.28 16.45 -29.70
C LEU B 558 3.97 15.03 -30.15
N ILE B 559 4.18 14.69 -31.42
CA ILE B 559 3.83 13.35 -31.99
C ILE B 559 5.12 12.61 -32.33
N ALA B 560 5.35 11.45 -31.70
CA ALA B 560 6.60 10.68 -31.76
C ALA B 560 6.45 9.53 -32.75
N ASP B 561 7.56 9.09 -33.36
CA ASP B 561 7.57 7.93 -34.29
C ASP B 561 7.95 6.68 -33.49
N SER B 562 9.08 6.72 -32.79
CA SER B 562 9.65 5.58 -32.01
C SER B 562 9.46 5.79 -30.51
N VAL B 563 9.83 4.81 -29.70
CA VAL B 563 9.74 4.90 -28.22
C VAL B 563 10.69 6.01 -27.78
N GLU B 564 11.93 5.96 -28.29
CA GLU B 564 13.04 6.88 -27.94
C GLU B 564 12.61 8.31 -28.25
N ASP B 565 11.97 8.53 -29.40
CA ASP B 565 11.39 9.84 -29.77
C ASP B 565 10.40 10.27 -28.67
N TYR B 566 9.45 9.42 -28.33
CA TYR B 566 8.42 9.68 -27.30
C TYR B 566 9.11 10.22 -26.03
N ILE B 567 10.18 9.55 -25.62
CA ILE B 567 10.86 9.84 -24.32
C ILE B 567 11.41 11.26 -24.35
N GLU B 568 12.10 11.65 -25.45
CA GLU B 568 12.71 12.99 -25.63
C GLU B 568 11.63 14.07 -25.54
N ARG B 569 10.50 13.87 -26.22
CA ARG B 569 9.42 14.89 -26.32
C ARG B 569 8.75 15.04 -24.94
N ALA B 570 8.47 13.91 -24.29
CA ALA B 570 7.84 13.86 -22.95
C ALA B 570 8.69 14.67 -21.96
N ILE B 571 10.01 14.48 -22.03
CA ILE B 571 11.01 15.22 -21.22
C ILE B 571 10.98 16.69 -21.62
N ARG B 572 11.07 16.97 -22.92
CA ARG B 572 11.10 18.36 -23.43
C ARG B 572 9.92 19.13 -22.83
N LEU B 573 8.72 18.54 -22.88
CA LEU B 573 7.44 19.22 -22.49
C LEU B 573 7.41 19.43 -20.98
N ALA B 574 8.06 18.53 -20.24
CA ALA B 574 8.11 18.52 -18.76
C ALA B 574 9.16 19.53 -18.30
N GLU B 575 10.30 19.66 -18.99
CA GLU B 575 11.43 20.57 -18.60
C GLU B 575 11.07 22.04 -18.91
N ASN B 576 10.54 22.32 -20.11
CA ASN B 576 10.34 23.69 -20.65
C ASN B 576 8.99 24.22 -20.18
N HIS B 577 8.92 24.69 -18.94
CA HIS B 577 7.70 25.22 -18.27
C HIS B 577 7.08 26.33 -19.14
N GLN B 578 7.92 27.21 -19.68
CA GLN B 578 7.51 28.42 -20.45
C GLN B 578 6.89 27.96 -21.79
N GLU B 579 7.51 26.97 -22.45
CA GLU B 579 7.05 26.44 -23.77
C GLU B 579 5.67 25.77 -23.65
N ARG B 580 5.49 24.88 -22.67
CA ARG B 580 4.24 24.12 -22.40
C ARG B 580 3.12 25.11 -22.06
N LEU B 581 3.42 26.17 -21.31
CA LEU B 581 2.44 27.21 -20.92
C LEU B 581 1.96 27.92 -22.18
N ALA B 582 2.90 28.19 -23.10
CA ALA B 582 2.59 28.75 -24.43
C ALA B 582 1.55 27.85 -25.10
N LEU B 583 1.89 26.57 -25.27
CA LEU B 583 1.04 25.54 -25.96
C LEU B 583 -0.32 25.42 -25.28
N ARG B 584 -0.41 25.66 -23.97
CA ARG B 584 -1.69 25.55 -23.22
C ARG B 584 -2.53 26.79 -23.53
N ARG B 585 -1.88 27.95 -23.60
CA ARG B 585 -2.53 29.23 -24.02
C ARG B 585 -3.03 29.14 -25.47
N HIS B 586 -2.34 28.39 -26.33
CA HIS B 586 -2.75 28.09 -27.75
C HIS B 586 -4.10 27.36 -27.74
N ILE B 587 -4.21 26.21 -27.06
CA ILE B 587 -5.45 25.37 -26.97
C ILE B 587 -6.60 26.21 -26.39
N ILE B 588 -6.29 26.98 -25.35
CA ILE B 588 -7.19 28.01 -24.74
C ILE B 588 -7.65 28.99 -25.82
N GLU B 589 -6.75 29.84 -26.33
CA GLU B 589 -7.05 31.02 -27.19
C GLU B 589 -7.84 30.55 -28.43
N ASN B 590 -7.47 29.41 -29.05
CA ASN B 590 -7.93 29.02 -30.42
C ASN B 590 -9.16 28.11 -30.39
N ASN B 591 -9.84 28.01 -29.24
CA ASN B 591 -11.02 27.14 -29.01
C ASN B 591 -10.96 25.92 -29.96
N GLY B 592 -10.00 25.01 -29.75
CA GLY B 592 -9.84 23.77 -30.53
C GLY B 592 -10.99 22.78 -30.29
N LEU B 593 -11.52 22.73 -29.07
CA LEU B 593 -12.69 21.89 -28.71
C LEU B 593 -13.88 22.17 -29.65
N LYS B 594 -14.15 23.45 -29.94
CA LYS B 594 -15.32 23.88 -30.76
C LYS B 594 -15.20 23.29 -32.18
N THR B 595 -13.97 23.10 -32.67
CA THR B 595 -13.68 22.69 -34.07
C THR B 595 -13.91 21.18 -34.23
N LEU B 596 -13.71 20.38 -33.17
CA LEU B 596 -13.98 18.93 -33.14
C LEU B 596 -15.50 18.70 -33.17
N PHE B 597 -16.29 19.62 -32.63
CA PHE B 597 -17.77 19.48 -32.54
C PHE B 597 -18.44 19.91 -33.84
N SER B 598 -17.70 20.49 -34.81
CA SER B 598 -18.22 21.20 -36.02
C SER B 598 -17.84 20.45 -37.31
N GLY B 599 -18.58 20.68 -38.40
CA GLY B 599 -18.21 20.20 -39.76
C GLY B 599 -19.38 19.58 -40.50
N ASP B 600 -19.07 18.78 -41.53
CA ASP B 600 -20.02 18.29 -42.58
C ASP B 600 -20.32 16.80 -42.33
N PRO B 601 -21.47 16.45 -41.71
CA PRO B 601 -21.79 15.04 -41.39
C PRO B 601 -22.24 14.18 -42.59
N SER B 602 -22.62 14.82 -43.70
CA SER B 602 -23.30 14.21 -44.89
C SER B 602 -22.44 13.14 -45.59
N PRO B 603 -21.11 13.28 -45.72
CA PRO B 603 -20.32 12.35 -46.55
C PRO B 603 -20.48 10.84 -46.31
N MET B 604 -20.96 10.39 -45.15
CA MET B 604 -21.18 8.93 -44.89
C MET B 604 -22.38 8.43 -45.71
N GLY B 605 -23.52 9.12 -45.61
CA GLY B 605 -24.76 8.83 -46.36
C GLY B 605 -24.57 8.89 -47.87
N LYS B 606 -23.78 9.84 -48.40
CA LYS B 606 -23.45 9.99 -49.85
C LYS B 606 -22.62 8.80 -50.33
N THR B 607 -21.52 8.50 -49.61
CA THR B 607 -20.52 7.47 -50.00
C THR B 607 -21.22 6.11 -50.00
N LEU B 608 -22.25 5.91 -49.16
CA LEU B 608 -22.95 4.60 -49.02
C LEU B 608 -24.10 4.47 -50.04
N PHE B 609 -24.75 5.59 -50.39
CA PHE B 609 -25.71 5.67 -51.51
C PHE B 609 -24.93 5.37 -52.81
N ALA B 610 -23.78 6.02 -53.01
CA ALA B 610 -22.90 5.91 -54.21
C ALA B 610 -22.55 4.45 -54.48
N LYS B 611 -22.22 3.68 -53.44
CA LYS B 611 -21.80 2.25 -53.53
C LYS B 611 -22.99 1.35 -53.91
N LEU B 612 -24.19 1.69 -53.43
CA LEU B 612 -25.42 0.93 -53.74
C LEU B 612 -25.77 1.11 -55.23
N THR B 613 -25.86 2.37 -55.70
CA THR B 613 -25.97 2.79 -57.13
C THR B 613 -25.06 1.92 -58.03
N GLU B 614 -23.76 1.85 -57.74
CA GLU B 614 -22.76 1.07 -58.55
C GLU B 614 -23.15 -0.42 -58.57
N TRP B 615 -23.65 -0.95 -57.45
CA TRP B 615 -24.16 -2.35 -57.34
C TRP B 615 -25.49 -2.50 -58.13
N ARG B 616 -25.48 -2.36 -59.48
CA ARG B 616 -26.74 -2.28 -60.32
C ARG B 616 -27.30 -3.70 -60.56
N GLN B 617 -26.45 -4.73 -60.74
CA GLN B 617 -26.82 -6.19 -60.81
C GLN B 617 -25.64 -6.98 -61.40
N PHE C 1 20.82 6.70 15.35
CA PHE C 1 20.44 6.08 16.65
C PHE C 1 19.83 7.18 17.56
N GLY C 2 18.56 7.01 17.96
CA GLY C 2 17.84 7.80 18.98
C GLY C 2 17.39 6.96 20.18
N ASN C 3 16.51 7.55 21.01
CA ASN C 3 16.06 7.06 22.35
C ASN C 3 15.03 5.94 22.17
N TRP C 4 15.44 4.69 22.34
CA TRP C 4 14.58 3.47 22.44
C TRP C 4 15.34 2.38 23.18
N THR C 5 14.63 1.32 23.59
CA THR C 5 15.17 0.18 24.39
C THR C 5 16.06 -0.67 23.47
N THR C 6 17.01 -1.42 24.06
CA THR C 6 17.88 -2.43 23.38
C THR C 6 17.05 -3.62 22.88
N TRP D 4 -14.92 -0.97 -23.21
CA TRP D 4 -14.70 -2.27 -22.50
C TRP D 4 -15.84 -3.25 -22.82
N THR D 5 -15.71 -4.51 -22.36
CA THR D 5 -16.49 -5.70 -22.81
C THR D 5 -17.65 -6.02 -21.85
N THR D 6 -18.62 -6.81 -22.31
CA THR D 6 -19.76 -7.41 -21.53
C THR D 6 -20.88 -6.37 -21.41
N1 UDP E . 16.43 9.22 13.37
C2 UDP E . 17.05 8.83 12.19
N3 UDP E . 16.22 8.31 11.23
C4 UDP E . 14.85 8.17 11.32
C5 UDP E . 14.29 8.64 12.53
C6 UDP E . 15.07 9.13 13.51
O2 UDP E . 18.26 8.93 12.04
O4 UDP E . 14.22 7.72 10.36
C1' UDP E . 17.33 9.74 14.43
C2' UDP E . 17.76 11.16 14.13
O2' UDP E . 19.12 11.22 14.40
C3' UDP E . 16.92 11.96 15.12
C4' UDP E . 16.94 11.01 16.32
O4' UDP E . 16.71 9.73 15.70
O3' UDP E . 17.47 13.23 15.49
C5' UDP E . 15.95 11.37 17.40
O5' UDP E . 15.21 10.25 17.87
PA UDP E . 14.72 10.37 19.39
O1A UDP E . 13.75 9.25 19.63
O2A UDP E . 15.88 10.50 20.30
O3A UDP E . 13.97 11.79 19.46
PB UDP E . 14.07 13.06 20.44
O1B UDP E . 13.75 14.26 19.61
O2B UDP E . 15.31 12.93 21.28
O3B UDP E . 12.84 12.91 21.46
N1 UDP F . -14.07 7.46 -17.43
C2 UDP F . -14.82 7.69 -16.29
N3 UDP F . -14.12 7.56 -15.11
C4 UDP F . -12.78 7.27 -14.96
C5 UDP F . -12.07 7.07 -16.19
C6 UDP F . -12.72 7.19 -17.35
O2 UDP F . -16.02 7.94 -16.32
O4 UDP F . -12.30 7.21 -13.83
C1' UDP F . -14.75 7.64 -18.74
C2' UDP F . -14.62 9.10 -19.18
O2' UDP F . -15.85 9.52 -19.72
C3' UDP F . -13.45 9.03 -20.17
C4' UDP F . -13.64 7.65 -20.82
O4' UDP F . -14.14 6.82 -19.73
O3' UDP F . -13.45 10.05 -21.15
C5' UDP F . -12.38 7.09 -21.43
O5' UDP F . -12.50 5.66 -21.73
PA UDP F . -12.35 5.14 -23.25
O1A UDP F . -13.61 5.44 -23.99
O2A UDP F . -11.91 3.72 -23.23
O3A UDP F . -11.17 6.04 -23.84
PB UDP F . -10.72 6.68 -25.26
O1B UDP F . -11.90 7.28 -25.93
O2B UDP F . -9.56 7.59 -25.00
O3B UDP F . -10.23 5.41 -26.12
#